data_1NG8
# 
_entry.id   1NG8 
# 
_audit_conform.dict_name       mmcif_pdbx.dic 
_audit_conform.dict_version    5.398 
_audit_conform.dict_location   http://mmcif.pdb.org/dictionaries/ascii/mmcif_pdbx.dic 
# 
loop_
_database_2.database_id 
_database_2.database_code 
_database_2.pdbx_database_accession 
_database_2.pdbx_DOI 
PDB   1NG8         pdb_00001ng8 10.2210/pdb1ng8/pdb 
RCSB  RCSB017848   ?            ?                   
WWPDB D_1000017848 ?            ?                   
# 
loop_
_pdbx_audit_revision_history.ordinal 
_pdbx_audit_revision_history.data_content_type 
_pdbx_audit_revision_history.major_revision 
_pdbx_audit_revision_history.minor_revision 
_pdbx_audit_revision_history.revision_date 
1 'Structure model' 1 0 2002-12-31 
2 'Structure model' 1 1 2011-06-14 
3 'Structure model' 1 2 2011-07-13 
4 'Structure model' 1 3 2011-07-27 
5 'Structure model' 1 4 2012-12-12 
6 'Structure model' 1 5 2013-07-02 
7 'Structure model' 2 0 2023-11-15 
8 'Structure model' 2 1 2024-11-06 
# 
_pdbx_audit_revision_details.ordinal             1 
_pdbx_audit_revision_details.revision_ordinal    1 
_pdbx_audit_revision_details.data_content_type   'Structure model' 
_pdbx_audit_revision_details.provider            repository 
_pdbx_audit_revision_details.type                'Initial release' 
_pdbx_audit_revision_details.description         ? 
_pdbx_audit_revision_details.details             ? 
# 
loop_
_pdbx_audit_revision_group.ordinal 
_pdbx_audit_revision_group.revision_ordinal 
_pdbx_audit_revision_group.data_content_type 
_pdbx_audit_revision_group.group 
1  2 'Structure model' 'Version format compliance' 
2  3 'Structure model' 'Version format compliance' 
3  4 'Structure model' 'Atomic model'              
4  4 'Structure model' 'Database references'       
5  4 'Structure model' 'Derived calculations'      
6  4 'Structure model' 'Non-polymer description'   
7  4 'Structure model' 'Structure summary'         
8  5 'Structure model' Other                       
9  6 'Structure model' Other                       
10 7 'Structure model' 'Atomic model'              
11 7 'Structure model' 'Data collection'           
12 7 'Structure model' 'Database references'       
13 7 'Structure model' 'Derived calculations'      
14 8 'Structure model' 'Structure summary'         
# 
loop_
_pdbx_audit_revision_category.ordinal 
_pdbx_audit_revision_category.revision_ordinal 
_pdbx_audit_revision_category.data_content_type 
_pdbx_audit_revision_category.category 
1 7 'Structure model' atom_site                 
2 7 'Structure model' chem_comp_atom            
3 7 'Structure model' chem_comp_bond            
4 7 'Structure model' database_2                
5 7 'Structure model' struct_conn               
6 7 'Structure model' struct_ref_seq_dif        
7 8 'Structure model' pdbx_entry_details        
8 8 'Structure model' pdbx_modification_feature 
# 
loop_
_pdbx_audit_revision_item.ordinal 
_pdbx_audit_revision_item.revision_ordinal 
_pdbx_audit_revision_item.data_content_type 
_pdbx_audit_revision_item.item 
1 7 'Structure model' '_atom_site.auth_atom_id'                      
2 7 'Structure model' '_atom_site.label_atom_id'                     
3 7 'Structure model' '_database_2.pdbx_DOI'                         
4 7 'Structure model' '_database_2.pdbx_database_accession'          
5 7 'Structure model' '_struct_conn.pdbx_leaving_atom_flag'          
6 7 'Structure model' '_struct_ref_seq_dif.details'                  
7 8 'Structure model' '_pdbx_entry_details.has_protein_modification' 
# 
_pdbx_database_status.status_code                     REL 
_pdbx_database_status.entry_id                        1NG8 
_pdbx_database_status.recvd_initial_deposition_date   2002-12-17 
_pdbx_database_status.deposit_site                    RCSB 
_pdbx_database_status.process_site                    RCSB 
_pdbx_database_status.SG_entry                        . 
_pdbx_database_status.status_code_sf                  ? 
_pdbx_database_status.status_code_mr                  ? 
_pdbx_database_status.status_code_cs                  ? 
_pdbx_database_status.methods_development_category    ? 
_pdbx_database_status.pdb_format_compatible           Y 
_pdbx_database_status.status_code_nmr_data            ? 
# 
loop_
_pdbx_database_related.db_name 
_pdbx_database_related.db_id 
_pdbx_database_related.content_type 
_pdbx_database_related.details 
PDB 1TK2 unspecified 'CRYSTAL STRUCTURE OF GRAMICIDIN S COMPLEXED WITH ALKALINE PROTEINASE SAVINASE' 
PDB 2XDC unspecified 'CRYSTAL STRUCTURE OF GRAMICIDIN A FROM CRYSTALS GROWN IN A LIPID CUBIC PHASE.' 
PDB 1AV2 unspecified 'CRYSTAL STRUCTURE OF GRAMICIDIN A COMPLEXED WITH CESIUM CHLORIDE' 
PDB 1BDW unspecified 'CRYSTAL STRUCTURE OF GRAMICIDIN A FROM BACILLUS BREVIS' 
PDB 1C4D unspecified 'CRYSTAL STRUCTURE OF GRAMICIDIN A COMPLEXED WITH CESIUM CHLORIDE' 
PDB 1GMK unspecified 'CRYSTAL STRUCTURE OF GRAMICIDIN A COMPLRXED WITH POTASSIUM THIOCYANATE' 
PDB 1GRM unspecified 'SOLUTION STRUCTURE OF THE GRAMICIDIN A' 
PDB 1JNO unspecified 'SOLUTION STRUCTURE OF GRAMICIDIN A IN SODIUM DODECYL SULFATE MICELLES' 
PDB 1KQE unspecified 'SOLUTION STRUCTURE OF A LINKED SHORTENED GRAMICIDIN A IN BENZENE/ACETONE 10:1' 
PDB 1MAG unspecified 'SOLID STATE NMR STRUCTURE OF GRAMICIDIN A IN HYDRATED DMPC BILAYERS,' 
PDB 1MIC unspecified 'SOLUTION STRUCTURE OF GRAMICIDIN A IN METHANOL IN THE PRESENCE OF CACL' 
PDB 1NRM unspecified 'SOLUTION STRUCTURE OF GRAMICIDIN A IN DODECYL PHOSPHOCHOLINE MICELLES' 
PDB 1NRU unspecified 'SOLUTION STRUCTURE OF GRAMICIDIN A IN DODECYL PHOSPHOCHOLINE MICELLES IN THE PRESENCE OF EXCESS NA+' 
PDB 1NT5 unspecified 'SOLUTION STRUCTURE OF GRAMICIDIN A (V1F) IN SODIUM DODECYL SULFATE MICELLES' 
PDB 1JO3 unspecified 'SOLUTION STRUCTURE OF GRAMICIDIN B IN SODIUM DODECYL SULFATE MICELLES' 
PDB 1JO4 unspecified 'SOLUTION STRUCTURE OF GRAMICIDIN C IN SODIUM DODECYL SULFATE MICELLES' 
PDB 1NT6 unspecified 'SOLUTION STRUCTURE OF F1-GRAMICIDIN C IN SODIUM DODECYL SULFATE MICELLES' 
PDB 1TKQ unspecified 
'SOLUTION STRUCTURE OF A LINKED UNSYMMETRIC GRAMICIDIN A IN A MEMBRANE-ISOELECTRICAL SOLVENTS MIXTURE, IN THE PRESENCE OF CSCL' 
PDB 1W5U unspecified 'CRYSTAL STRUCTURE OF GRAMICIDIN D IN ETHANOL' 
PDB 2IZQ unspecified 'CRYSTAL STRUCTURE OF GRAMICIDIN D COMPLEX WITH KI IN METHANOL' 
PDB 3L8L unspecified 'CRYSTAL STRUCTURE OF GRAMICIDIN D COMPLEX WITH NAI' 
PDB 1AL4 unspecified 'CRYSTAL STRUCTURE OF GRAMICIDIN D IN N-PROPANOL' 
PDB 1ALX unspecified 'CRYSTAL STRUCTURE OF GRAMICIDIN D IN METHANOL' 
PDB 1ALZ unspecified 'CRYSTAL STRUCTURE OF GRAMICIDIN D IN ETHANOL' 
# 
loop_
_audit_author.name 
_audit_author.pdbx_ordinal 
'Sham, S.S.'     1 
'Townsley, L.E.' 2 
'Hinton, J.F.'   3 
# 
_citation.id                        primary 
_citation.title                     
'The Structure, Cation Binding, Transport and Conductance of Gly15-Gramicidin a Incorporated Into Sds Micelles and Pc/Pg Vesicles' 
_citation.journal_abbrev            Biochemistry 
_citation.journal_volume            42 
_citation.page_first                1401 
_citation.page_last                 ? 
_citation.year                      2003 
_citation.journal_id_ASTM           BICHAW 
_citation.country                   US 
_citation.journal_id_ISSN           0006-2960 
_citation.journal_id_CSD            0033 
_citation.book_publisher            ? 
_citation.pdbx_database_id_PubMed   12578352 
_citation.pdbx_database_id_DOI      10.1021/BI0204286 
# 
loop_
_citation_author.citation_id 
_citation_author.name 
_citation_author.ordinal 
_citation_author.identifier_ORCID 
primary 'Sham, S.S.'       1 ? 
primary 'Shobana, S.'      2 ? 
primary 'Townsley, L.E.'   3 ? 
primary 'Jordan, J.B.'     4 ? 
primary 'Fernandez, J.Q.'  5 ? 
primary 'Andersen, O.S.'   6 ? 
primary 'Greathouse, D.V.' 7 ? 
primary 'Hinton, J.F.'     8 ? 
# 
_entity.id                         1 
_entity.type                       polymer 
_entity.src_method                 syn 
_entity.pdbx_description           'GRAMICIDIN A' 
_entity.formula_weight             1753.136 
_entity.pdbx_number_of_molecules   2 
_entity.pdbx_ec                    ? 
_entity.pdbx_mutation              ? 
_entity.pdbx_fragment              ? 
_entity.details                    ? 
# 
_entity_name_com.entity_id   1 
_entity_name_com.name        'VALYL GRAMICIDIN' 
# 
_entity_poly.entity_id                      1 
_entity_poly.type                           'polypeptide(L)' 
_entity_poly.nstd_linkage                   no 
_entity_poly.nstd_monomer                   yes 
_entity_poly.pdbx_seq_one_letter_code       '(FVA)GA(DLE)A(DVA)V(DVA)W(DLE)W(DLE)W(DLE)G(ETA)' 
_entity_poly.pdbx_seq_one_letter_code_can   VGALAVVVWLWLWLGX 
_entity_poly.pdbx_strand_id                 A,B 
_entity_poly.pdbx_target_identifier         ? 
# 
loop_
_entity_poly_seq.entity_id 
_entity_poly_seq.num 
_entity_poly_seq.mon_id 
_entity_poly_seq.hetero 
1 1  FVA n 
1 2  GLY n 
1 3  ALA n 
1 4  DLE n 
1 5  ALA n 
1 6  DVA n 
1 7  VAL n 
1 8  DVA n 
1 9  TRP n 
1 10 DLE n 
1 11 TRP n 
1 12 DLE n 
1 13 TRP n 
1 14 DLE n 
1 15 GLY n 
1 16 ETA n 
# 
_pdbx_entity_src_syn.entity_id              1 
_pdbx_entity_src_syn.pdbx_src_id            1 
_pdbx_entity_src_syn.pdbx_alt_source_flag   sample 
_pdbx_entity_src_syn.pdbx_beg_seq_num       ? 
_pdbx_entity_src_syn.pdbx_end_seq_num       ? 
_pdbx_entity_src_syn.organism_scientific    'BREVIBACILLUS BREVIS' 
_pdbx_entity_src_syn.organism_common_name   ? 
_pdbx_entity_src_syn.ncbi_taxonomy_id       1393 
_pdbx_entity_src_syn.details                'MUTATION TRP15 TO GLY' 
# 
loop_
_chem_comp.id 
_chem_comp.type 
_chem_comp.mon_nstd_flag 
_chem_comp.name 
_chem_comp.pdbx_synonyms 
_chem_comp.formula 
_chem_comp.formula_weight 
ALA 'L-peptide linking'               y ALANINE           ? 'C3 H7 N O2'    89.093  
DLE 'D-peptide linking'               . D-LEUCINE         ? 'C6 H13 N O2'   131.173 
DVA 'D-peptide linking'               . D-VALINE          ? 'C5 H11 N O2'   117.146 
ETA 'L-peptide COOH carboxy terminus' . ETHANOLAMINE      ? 'C2 H7 N O'     61.083  
FVA 'L-peptide linking'               n N-formyl-L-valine ? 'C6 H11 N O3'   145.156 
GLY 'peptide linking'                 y GLYCINE           ? 'C2 H5 N O2'    75.067  
TRP 'L-peptide linking'               y TRYPTOPHAN        ? 'C11 H12 N2 O2' 204.225 
VAL 'L-peptide linking'               y VALINE            ? 'C5 H11 N O2'   117.146 
# 
loop_
_pdbx_poly_seq_scheme.asym_id 
_pdbx_poly_seq_scheme.entity_id 
_pdbx_poly_seq_scheme.seq_id 
_pdbx_poly_seq_scheme.mon_id 
_pdbx_poly_seq_scheme.ndb_seq_num 
_pdbx_poly_seq_scheme.pdb_seq_num 
_pdbx_poly_seq_scheme.auth_seq_num 
_pdbx_poly_seq_scheme.pdb_mon_id 
_pdbx_poly_seq_scheme.auth_mon_id 
_pdbx_poly_seq_scheme.pdb_strand_id 
_pdbx_poly_seq_scheme.pdb_ins_code 
_pdbx_poly_seq_scheme.hetero 
A 1 1  FVA 1  1  1  FVA FVA A . n 
A 1 2  GLY 2  2  2  GLY GLY A . n 
A 1 3  ALA 3  3  3  ALA ALA A . n 
A 1 4  DLE 4  4  4  DLE DLE A . n 
A 1 5  ALA 5  5  5  ALA ALA A . n 
A 1 6  DVA 6  6  6  DVA DVA A . n 
A 1 7  VAL 7  7  7  VAL VAL A . n 
A 1 8  DVA 8  8  8  DVA DVA A . n 
A 1 9  TRP 9  9  9  TRP TRP A . n 
A 1 10 DLE 10 10 10 DLE DLE A . n 
A 1 11 TRP 11 11 11 TRP TRP A . n 
A 1 12 DLE 12 12 12 DLE DLE A . n 
A 1 13 TRP 13 13 13 TRP TRP A . n 
A 1 14 DLE 14 14 14 DLE DLE A . n 
A 1 15 GLY 15 15 15 GLY GLY A . n 
A 1 16 ETA 16 16 16 ETA ETA A . n 
B 1 1  FVA 1  1  1  FVA FVA B . n 
B 1 2  GLY 2  2  2  GLY GLY B . n 
B 1 3  ALA 3  3  3  ALA ALA B . n 
B 1 4  DLE 4  4  4  DLE DLE B . n 
B 1 5  ALA 5  5  5  ALA ALA B . n 
B 1 6  DVA 6  6  6  DVA DVA B . n 
B 1 7  VAL 7  7  7  VAL VAL B . n 
B 1 8  DVA 8  8  8  DVA DVA B . n 
B 1 9  TRP 9  9  9  TRP TRP B . n 
B 1 10 DLE 10 10 10 DLE DLE B . n 
B 1 11 TRP 11 11 11 TRP TRP B . n 
B 1 12 DLE 12 12 12 DLE DLE B . n 
B 1 13 TRP 13 13 13 TRP TRP B . n 
B 1 14 DLE 14 14 14 DLE DLE B . n 
B 1 15 GLY 15 15 15 GLY GLY B . n 
B 1 16 ETA 16 16 16 ETA ETA B . n 
# 
_cell.entry_id           1NG8 
_cell.length_a           1.000 
_cell.length_b           1.000 
_cell.length_c           1.000 
_cell.angle_alpha        90.00 
_cell.angle_beta         90.00 
_cell.angle_gamma        90.00 
_cell.Z_PDB              1 
_cell.pdbx_unique_axis   ? 
# 
_symmetry.entry_id                         1NG8 
_symmetry.space_group_name_H-M             'P 1' 
_symmetry.pdbx_full_space_group_name_H-M   ? 
_symmetry.cell_setting                     ? 
_symmetry.Int_Tables_number                1 
# 
_exptl.entry_id          1NG8 
_exptl.method            'SOLUTION NMR' 
_exptl.crystals_number   ? 
# 
_exptl_crystal.id                    1 
_exptl_crystal.density_meas          ? 
_exptl_crystal.density_Matthews      ? 
_exptl_crystal.density_percent_sol   ? 
_exptl_crystal.description           ? 
# 
_diffrn.id                     1 
_diffrn.ambient_temp           ? 
_diffrn.ambient_temp_details   ? 
_diffrn.crystal_id             1 
# 
_diffrn_radiation.diffrn_id                        1 
_diffrn_radiation.wavelength_id                    1 
_diffrn_radiation.pdbx_monochromatic_or_laue_m_l   M 
_diffrn_radiation.monochromator                    ? 
_diffrn_radiation.pdbx_diffrn_protocol             'SINGLE WAVELENGTH' 
_diffrn_radiation.pdbx_scattering_type             x-ray 
# 
_diffrn_radiation_wavelength.id           1 
_diffrn_radiation_wavelength.wavelength   . 
_diffrn_radiation_wavelength.wt           1.0 
# 
_struct.entry_id                  1NG8 
_struct.title                     'G15-Gramicidin A in Sodium Dodecyl Sulfate Micelles (NMR)' 
_struct.pdbx_model_details        ? 
_struct.pdbx_CASP_flag            ? 
_struct.pdbx_model_type_details   'minimized average' 
# 
_struct_keywords.entry_id        1NG8 
_struct_keywords.pdbx_keywords   ANTIBIOTIC 
_struct_keywords.text            
'ANTIBIOTIC, GRAMICIDIN, ANTIFUNGAL, ANTIBACTERIAL, SDS MICELLES, MEMBRANE ION CHANNEL, LINEAR GRAMICIDIN' 
# 
loop_
_struct_asym.id 
_struct_asym.pdbx_blank_PDB_chainid_flag 
_struct_asym.pdbx_modified 
_struct_asym.entity_id 
_struct_asym.details 
A N N 1 ? 
B N N 1 ? 
# 
_struct_ref.id                         1 
_struct_ref.db_name                    NOR 
_struct_ref.db_code                    NOR00243 
_struct_ref.entity_id                  1 
_struct_ref.pdbx_seq_one_letter_code   ? 
_struct_ref.pdbx_align_begin           ? 
_struct_ref.pdbx_db_accession          NOR00243 
_struct_ref.pdbx_db_isoform            ? 
# 
loop_
_struct_ref_seq.align_id 
_struct_ref_seq.ref_id 
_struct_ref_seq.pdbx_PDB_id_code 
_struct_ref_seq.pdbx_strand_id 
_struct_ref_seq.seq_align_beg 
_struct_ref_seq.pdbx_seq_align_beg_ins_code 
_struct_ref_seq.seq_align_end 
_struct_ref_seq.pdbx_seq_align_end_ins_code 
_struct_ref_seq.pdbx_db_accession 
_struct_ref_seq.db_align_beg 
_struct_ref_seq.pdbx_db_align_beg_ins_code 
_struct_ref_seq.db_align_end 
_struct_ref_seq.pdbx_db_align_end_ins_code 
_struct_ref_seq.pdbx_auth_seq_align_beg 
_struct_ref_seq.pdbx_auth_seq_align_end 
1 1 1NG8 A 1 ? 16 ? NOR00243 1 ? 16 ? 1 16 
2 1 1NG8 B 1 ? 16 ? NOR00243 1 ? 16 ? 1 16 
# 
loop_
_struct_ref_seq_dif.align_id 
_struct_ref_seq_dif.pdbx_pdb_id_code 
_struct_ref_seq_dif.mon_id 
_struct_ref_seq_dif.pdbx_pdb_strand_id 
_struct_ref_seq_dif.seq_num 
_struct_ref_seq_dif.pdbx_pdb_ins_code 
_struct_ref_seq_dif.pdbx_seq_db_name 
_struct_ref_seq_dif.pdbx_seq_db_accession_code 
_struct_ref_seq_dif.db_mon_id 
_struct_ref_seq_dif.pdbx_seq_db_seq_num 
_struct_ref_seq_dif.details 
_struct_ref_seq_dif.pdbx_auth_seq_num 
_struct_ref_seq_dif.pdbx_ordinal 
1 1NG8 GLY A 15 ? NOR NOR00243 TRP 15 'engineered mutation' 15 1 
2 1NG8 GLY B 15 ? NOR NOR00243 TRP 15 'engineered mutation' 15 2 
# 
_pdbx_struct_assembly.id                   1 
_pdbx_struct_assembly.details              author_and_software_defined_assembly 
_pdbx_struct_assembly.method_details       PISA 
_pdbx_struct_assembly.oligomeric_details   dimeric 
_pdbx_struct_assembly.oligomeric_count     2 
# 
loop_
_pdbx_struct_assembly_prop.biol_id 
_pdbx_struct_assembly_prop.type 
_pdbx_struct_assembly_prop.value 
_pdbx_struct_assembly_prop.details 
1 'ABSA (A^2)' 780  ? 
1 MORE         -3.0 ? 
1 'SSA (A^2)'  2650 ? 
# 
_pdbx_struct_assembly_gen.assembly_id       1 
_pdbx_struct_assembly_gen.oper_expression   1 
_pdbx_struct_assembly_gen.asym_id_list      A,B 
# 
_pdbx_struct_oper_list.id                   1 
_pdbx_struct_oper_list.type                 'identity operation' 
_pdbx_struct_oper_list.name                 1_555 
_pdbx_struct_oper_list.symmetry_operation   x,y,z 
_pdbx_struct_oper_list.matrix[1][1]         1.0000000000 
_pdbx_struct_oper_list.matrix[1][2]         0.0000000000 
_pdbx_struct_oper_list.matrix[1][3]         0.0000000000 
_pdbx_struct_oper_list.vector[1]            0.0000000000 
_pdbx_struct_oper_list.matrix[2][1]         0.0000000000 
_pdbx_struct_oper_list.matrix[2][2]         1.0000000000 
_pdbx_struct_oper_list.matrix[2][3]         0.0000000000 
_pdbx_struct_oper_list.vector[2]            0.0000000000 
_pdbx_struct_oper_list.matrix[3][1]         0.0000000000 
_pdbx_struct_oper_list.matrix[3][2]         0.0000000000 
_pdbx_struct_oper_list.matrix[3][3]         1.0000000000 
_pdbx_struct_oper_list.vector[3]            0.0000000000 
# 
_struct_biol.id        1 
_struct_biol.details   ? 
# 
loop_
_struct_conn.id 
_struct_conn.conn_type_id 
_struct_conn.pdbx_leaving_atom_flag 
_struct_conn.pdbx_PDB_id 
_struct_conn.ptnr1_label_asym_id 
_struct_conn.ptnr1_label_comp_id 
_struct_conn.ptnr1_label_seq_id 
_struct_conn.ptnr1_label_atom_id 
_struct_conn.pdbx_ptnr1_label_alt_id 
_struct_conn.pdbx_ptnr1_PDB_ins_code 
_struct_conn.pdbx_ptnr1_standard_comp_id 
_struct_conn.ptnr1_symmetry 
_struct_conn.ptnr2_label_asym_id 
_struct_conn.ptnr2_label_comp_id 
_struct_conn.ptnr2_label_seq_id 
_struct_conn.ptnr2_label_atom_id 
_struct_conn.pdbx_ptnr2_label_alt_id 
_struct_conn.pdbx_ptnr2_PDB_ins_code 
_struct_conn.ptnr1_auth_asym_id 
_struct_conn.ptnr1_auth_comp_id 
_struct_conn.ptnr1_auth_seq_id 
_struct_conn.ptnr2_auth_asym_id 
_struct_conn.ptnr2_auth_comp_id 
_struct_conn.ptnr2_auth_seq_id 
_struct_conn.ptnr2_symmetry 
_struct_conn.pdbx_ptnr3_label_atom_id 
_struct_conn.pdbx_ptnr3_label_seq_id 
_struct_conn.pdbx_ptnr3_label_comp_id 
_struct_conn.pdbx_ptnr3_label_asym_id 
_struct_conn.pdbx_ptnr3_label_alt_id 
_struct_conn.pdbx_ptnr3_PDB_ins_code 
_struct_conn.details 
_struct_conn.pdbx_dist_value 
_struct_conn.pdbx_value_order 
_struct_conn.pdbx_role 
covale1  covale both ? A FVA 1  C ? ? ? 1_555 A GLY 2  N ? ? A FVA 1  A GLY 2  1_555 ? ? ? ? ? ? ? 1.342 ? ? 
covale2  covale both ? A ALA 3  C ? ? ? 1_555 A DLE 4  N ? ? A ALA 3  A DLE 4  1_555 ? ? ? ? ? ? ? 1.337 ? ? 
covale3  covale both ? A DLE 4  C ? ? ? 1_555 A ALA 5  N ? ? A DLE 4  A ALA 5  1_555 ? ? ? ? ? ? ? 1.340 ? ? 
covale4  covale both ? A ALA 5  C ? ? ? 1_555 A DVA 6  N ? ? A ALA 5  A DVA 6  1_555 ? ? ? ? ? ? ? 1.341 ? ? 
covale5  covale both ? A DVA 6  C ? ? ? 1_555 A VAL 7  N ? ? A DVA 6  A VAL 7  1_555 ? ? ? ? ? ? ? 1.342 ? ? 
covale6  covale both ? A VAL 7  C ? ? ? 1_555 A DVA 8  N ? ? A VAL 7  A DVA 8  1_555 ? ? ? ? ? ? ? 1.337 ? ? 
covale7  covale both ? A DVA 8  C ? ? ? 1_555 A TRP 9  N ? ? A DVA 8  A TRP 9  1_555 ? ? ? ? ? ? ? 1.339 ? ? 
covale8  covale both ? A TRP 9  C ? ? ? 1_555 A DLE 10 N ? ? A TRP 9  A DLE 10 1_555 ? ? ? ? ? ? ? 1.343 ? ? 
covale9  covale both ? A DLE 10 C ? ? ? 1_555 A TRP 11 N ? ? A DLE 10 A TRP 11 1_555 ? ? ? ? ? ? ? 1.340 ? ? 
covale10 covale both ? A TRP 11 C ? ? ? 1_555 A DLE 12 N ? ? A TRP 11 A DLE 12 1_555 ? ? ? ? ? ? ? 1.339 ? ? 
covale11 covale both ? A DLE 12 C ? ? ? 1_555 A TRP 13 N ? ? A DLE 12 A TRP 13 1_555 ? ? ? ? ? ? ? 1.341 ? ? 
covale12 covale both ? A TRP 13 C ? ? ? 1_555 A DLE 14 N ? ? A TRP 13 A DLE 14 1_555 ? ? ? ? ? ? ? 1.342 ? ? 
covale13 covale both ? A DLE 14 C ? ? ? 1_555 A GLY 15 N ? ? A DLE 14 A GLY 15 1_555 ? ? ? ? ? ? ? 1.339 ? ? 
covale14 covale both ? A GLY 15 C ? ? ? 1_555 A ETA 16 N ? ? A GLY 15 A ETA 16 1_555 ? ? ? ? ? ? ? 1.340 ? ? 
covale15 covale both ? B FVA 1  C ? ? ? 1_555 B GLY 2  N ? ? B FVA 1  B GLY 2  1_555 ? ? ? ? ? ? ? 1.342 ? ? 
covale16 covale both ? B ALA 3  C ? ? ? 1_555 B DLE 4  N ? ? B ALA 3  B DLE 4  1_555 ? ? ? ? ? ? ? 1.337 ? ? 
covale17 covale both ? B DLE 4  C ? ? ? 1_555 B ALA 5  N ? ? B DLE 4  B ALA 5  1_555 ? ? ? ? ? ? ? 1.339 ? ? 
covale18 covale both ? B ALA 5  C ? ? ? 1_555 B DVA 6  N ? ? B ALA 5  B DVA 6  1_555 ? ? ? ? ? ? ? 1.341 ? ? 
covale19 covale both ? B DVA 6  C ? ? ? 1_555 B VAL 7  N ? ? B DVA 6  B VAL 7  1_555 ? ? ? ? ? ? ? 1.342 ? ? 
covale20 covale both ? B VAL 7  C ? ? ? 1_555 B DVA 8  N ? ? B VAL 7  B DVA 8  1_555 ? ? ? ? ? ? ? 1.337 ? ? 
covale21 covale both ? B DVA 8  C ? ? ? 1_555 B TRP 9  N ? ? B DVA 8  B TRP 9  1_555 ? ? ? ? ? ? ? 1.339 ? ? 
covale22 covale both ? B TRP 9  C ? ? ? 1_555 B DLE 10 N ? ? B TRP 9  B DLE 10 1_555 ? ? ? ? ? ? ? 1.343 ? ? 
covale23 covale both ? B DLE 10 C ? ? ? 1_555 B TRP 11 N ? ? B DLE 10 B TRP 11 1_555 ? ? ? ? ? ? ? 1.340 ? ? 
covale24 covale both ? B TRP 11 C ? ? ? 1_555 B DLE 12 N ? ? B TRP 11 B DLE 12 1_555 ? ? ? ? ? ? ? 1.338 ? ? 
covale25 covale both ? B DLE 12 C ? ? ? 1_555 B TRP 13 N ? ? B DLE 12 B TRP 13 1_555 ? ? ? ? ? ? ? 1.340 ? ? 
covale26 covale both ? B TRP 13 C ? ? ? 1_555 B DLE 14 N ? ? B TRP 13 B DLE 14 1_555 ? ? ? ? ? ? ? 1.342 ? ? 
covale27 covale both ? B DLE 14 C ? ? ? 1_555 B GLY 15 N ? ? B DLE 14 B GLY 15 1_555 ? ? ? ? ? ? ? 1.341 ? ? 
covale28 covale both ? B GLY 15 C ? ? ? 1_555 B ETA 16 N ? ? B GLY 15 B ETA 16 1_555 ? ? ? ? ? ? ? 1.340 ? ? 
# 
_struct_conn_type.id          covale 
_struct_conn_type.criteria    ? 
_struct_conn_type.reference   ? 
# 
loop_
_pdbx_modification_feature.ordinal 
_pdbx_modification_feature.label_comp_id 
_pdbx_modification_feature.label_asym_id 
_pdbx_modification_feature.label_seq_id 
_pdbx_modification_feature.label_alt_id 
_pdbx_modification_feature.modified_residue_label_comp_id 
_pdbx_modification_feature.modified_residue_label_asym_id 
_pdbx_modification_feature.modified_residue_label_seq_id 
_pdbx_modification_feature.modified_residue_label_alt_id 
_pdbx_modification_feature.auth_comp_id 
_pdbx_modification_feature.auth_asym_id 
_pdbx_modification_feature.auth_seq_id 
_pdbx_modification_feature.PDB_ins_code 
_pdbx_modification_feature.symmetry 
_pdbx_modification_feature.modified_residue_auth_comp_id 
_pdbx_modification_feature.modified_residue_auth_asym_id 
_pdbx_modification_feature.modified_residue_auth_seq_id 
_pdbx_modification_feature.modified_residue_PDB_ins_code 
_pdbx_modification_feature.modified_residue_symmetry 
_pdbx_modification_feature.comp_id_linking_atom 
_pdbx_modification_feature.modified_residue_id_linking_atom 
_pdbx_modification_feature.modified_residue_id 
_pdbx_modification_feature.ref_pcm_id 
_pdbx_modification_feature.ref_comp_id 
_pdbx_modification_feature.type 
_pdbx_modification_feature.category 
1 FVA A 1  ? . . . . FVA A 1  ? 1_555 . . . . . . . VAL 1 FVA Formylation 'Named protein modification' 
2 FVA B 1  ? . . . . FVA B 1  ? 1_555 . . . . . . . VAL 1 FVA Formylation 'Named protein modification' 
3 ETA A 16 ? . . . . ETA A 16 ? 1_555 . . . . . . . ?   1 ETA None        'Non-standard residue'       
4 ETA B 16 ? . . . . ETA B 16 ? 1_555 . . . . . . . ?   1 ETA None        'Non-standard residue'       
# 
_struct_sheet.id               AA 
_struct_sheet.type             ? 
_struct_sheet.number_strands   2 
_struct_sheet.details          ? 
# 
_struct_sheet_order.sheet_id     AA 
_struct_sheet_order.range_id_1   1 
_struct_sheet_order.range_id_2   2 
_struct_sheet_order.offset       ? 
_struct_sheet_order.sense        anti-parallel 
# 
loop_
_struct_sheet_range.sheet_id 
_struct_sheet_range.id 
_struct_sheet_range.beg_label_comp_id 
_struct_sheet_range.beg_label_asym_id 
_struct_sheet_range.beg_label_seq_id 
_struct_sheet_range.pdbx_beg_PDB_ins_code 
_struct_sheet_range.end_label_comp_id 
_struct_sheet_range.end_label_asym_id 
_struct_sheet_range.end_label_seq_id 
_struct_sheet_range.pdbx_end_PDB_ins_code 
_struct_sheet_range.beg_auth_comp_id 
_struct_sheet_range.beg_auth_asym_id 
_struct_sheet_range.beg_auth_seq_id 
_struct_sheet_range.end_auth_comp_id 
_struct_sheet_range.end_auth_asym_id 
_struct_sheet_range.end_auth_seq_id 
AA 1 GLY A 2 ? GLY A 15 ? GLY A 2 GLY A 15 
AA 2 GLY B 2 ? GLY B 15 ? GLY B 2 GLY B 15 
# 
_pdbx_struct_sheet_hbond.sheet_id                AA 
_pdbx_struct_sheet_hbond.range_id_1              1 
_pdbx_struct_sheet_hbond.range_id_2              2 
_pdbx_struct_sheet_hbond.range_1_label_atom_id   N 
_pdbx_struct_sheet_hbond.range_1_label_comp_id   ALA 
_pdbx_struct_sheet_hbond.range_1_label_asym_id   A 
_pdbx_struct_sheet_hbond.range_1_label_seq_id    3 
_pdbx_struct_sheet_hbond.range_1_PDB_ins_code    ? 
_pdbx_struct_sheet_hbond.range_1_auth_atom_id    N 
_pdbx_struct_sheet_hbond.range_1_auth_comp_id    ALA 
_pdbx_struct_sheet_hbond.range_1_auth_asym_id    A 
_pdbx_struct_sheet_hbond.range_1_auth_seq_id     3 
_pdbx_struct_sheet_hbond.range_2_label_atom_id   O 
_pdbx_struct_sheet_hbond.range_2_label_comp_id   ALA 
_pdbx_struct_sheet_hbond.range_2_label_asym_id   B 
_pdbx_struct_sheet_hbond.range_2_label_seq_id    3 
_pdbx_struct_sheet_hbond.range_2_PDB_ins_code    ? 
_pdbx_struct_sheet_hbond.range_2_auth_atom_id    O 
_pdbx_struct_sheet_hbond.range_2_auth_comp_id    ALA 
_pdbx_struct_sheet_hbond.range_2_auth_asym_id    B 
_pdbx_struct_sheet_hbond.range_2_auth_seq_id     3 
# 
loop_
_struct_site.id 
_struct_site.pdbx_evidence_code 
_struct_site.pdbx_auth_asym_id 
_struct_site.pdbx_auth_comp_id 
_struct_site.pdbx_auth_seq_id 
_struct_site.pdbx_auth_ins_code 
_struct_site.pdbx_num_residues 
_struct_site.details 
AC1 Software ? ? ? ? 3 'BINDING SITE FOR CHAIN A OF GRAMICIDIN A' 
AC2 Software ? ? ? ? 3 'BINDING SITE FOR CHAIN B OF GRAMICIDIN A' 
# 
loop_
_struct_site_gen.id 
_struct_site_gen.site_id 
_struct_site_gen.pdbx_num_res 
_struct_site_gen.label_comp_id 
_struct_site_gen.label_asym_id 
_struct_site_gen.label_seq_id 
_struct_site_gen.pdbx_auth_ins_code 
_struct_site_gen.auth_comp_id 
_struct_site_gen.auth_asym_id 
_struct_site_gen.auth_seq_id 
_struct_site_gen.label_atom_id 
_struct_site_gen.label_alt_id 
_struct_site_gen.symmetry 
_struct_site_gen.details 
1 AC1 3 ALA B 3 ? ALA B 3 . ? 1_555 ? 
2 AC1 3 DLE B 4 ? DLE B 4 . ? 1_555 ? 
3 AC1 3 ALA B 5 ? ALA B 5 . ? 1_555 ? 
4 AC2 3 ALA A 3 ? ALA A 3 . ? 1_555 ? 
5 AC2 3 DLE A 4 ? DLE A 4 . ? 1_555 ? 
6 AC2 3 ALA A 5 ? ALA A 5 . ? 1_555 ? 
# 
_pdbx_entry_details.entry_id                   1NG8 
_pdbx_entry_details.compound_details           
;GRAMICIDIN IS A HETEROGENEOUS MIXTURE OF SEVERAL COMPOUNDS
 INCLUDING GRAMICIDIN A, B AND C WHICH ARE OBTAINED FROM
 BACILLUS BREVIS AND CALLED COLLECTIVELY GRAMICIDIN D
 HERE, GRAMICIDIN A IS REPRESENTED BY THE SEQUENCE (SEQRES)
;
_pdbx_entry_details.source_details             ? 
_pdbx_entry_details.nonpolymer_details         ? 
_pdbx_entry_details.sequence_details           ? 
_pdbx_entry_details.has_ligand_of_interest     ? 
_pdbx_entry_details.has_protein_modification   Y 
# 
_pdbx_molecule_features.prd_id    PRD_001131 
_pdbx_molecule_features.name      'Mutant GRAMICIDIN A' 
_pdbx_molecule_features.type      Polypeptide 
_pdbx_molecule_features.class     Antibiotic 
_pdbx_molecule_features.details   
;GRAMICIDIN A IS A HEXADECAMERIC HELICAL PEPTIDE
  WITH ALTERNATING D,L CHARACTERISTICS.
  THE N-TERM IS FORMYLATED (RESIDUE 0).
  THE C-TERM IS CAPPED WITH ETHANOLAMINE (RESIDUE 16).
;
# 
loop_
_pdbx_molecule.instance_id 
_pdbx_molecule.prd_id 
_pdbx_molecule.asym_id 
1 PRD_001131 A 
2 PRD_001131 B 
# 
_pdbx_nmr_ensemble.entry_id                                      1NG8 
_pdbx_nmr_ensemble.conformers_calculated_total_number            ? 
_pdbx_nmr_ensemble.conformers_submitted_total_number             1 
_pdbx_nmr_ensemble.conformer_selection_criteria                  ? 
_pdbx_nmr_ensemble.average_constraints_per_residue               ? 
_pdbx_nmr_ensemble.average_constraint_violations_per_residue     ? 
_pdbx_nmr_ensemble.maximum_distance_constraint_violation         ? 
_pdbx_nmr_ensemble.average_distance_constraint_violation         ? 
_pdbx_nmr_ensemble.maximum_upper_distance_constraint_violation   ? 
_pdbx_nmr_ensemble.maximum_lower_distance_constraint_violation   ? 
_pdbx_nmr_ensemble.distance_constraint_violation_method          ? 
_pdbx_nmr_ensemble.maximum_torsion_angle_constraint_violation    ? 
_pdbx_nmr_ensemble.average_torsion_angle_constraint_violation    ? 
_pdbx_nmr_ensemble.torsion_angle_constraint_violation_method     ? 
# 
_pdbx_nmr_representative.selection_criteria   'minimized average structure' 
_pdbx_nmr_representative.entry_id             1NG8 
_pdbx_nmr_representative.conformer_id         ? 
# 
_pdbx_nmr_sample_details.solution_id      1 
_pdbx_nmr_sample_details.contents         
'5MM G15-GRAMICIDIN A, 250MM DEUTERATED SODIUM DODECYL SULFATE, 80% 100MM PHOSPHATE BUFFER PH 6.5, 10% D2O, 10% DEUTERATED TFE' 
_pdbx_nmr_sample_details.solvent_system   ? 
# 
_pdbx_nmr_exptl_sample_conditions.conditions_id       1 
_pdbx_nmr_exptl_sample_conditions.temperature         328 
_pdbx_nmr_exptl_sample_conditions.pressure_units      ? 
_pdbx_nmr_exptl_sample_conditions.pressure            AMBIENT 
_pdbx_nmr_exptl_sample_conditions.pH                  6.5 
_pdbx_nmr_exptl_sample_conditions.ionic_strength      ? 
_pdbx_nmr_exptl_sample_conditions.temperature_units   K 
# 
_pdbx_nmr_exptl.experiment_id   1 
_pdbx_nmr_exptl.conditions_id   1 
_pdbx_nmr_exptl.type            '2D NOESY' 
_pdbx_nmr_exptl.solution_id     1 
# 
_pdbx_nmr_details.entry_id   1NG8 
_pdbx_nmr_details.text       'A 40MSEC MIXING TIME WAS USED IN THE NOESY EXPERIMENT FROM WHICH DISTANCE CONSTRAINTS WERE OBTAINED.' 
# 
_pdbx_nmr_refine.entry_id           1NG8 
_pdbx_nmr_refine.method             'DISTANCE GEOMETRY, SIMULATED ANNEALING, RELAXATION MATRIX CALCULATION, MINIMIZATION' 
_pdbx_nmr_refine.details            
;THE STRUCTURE WAS MODELED USING 530 DISTANCE CONSTRAINTS AND 13 HYDROGEN BOND CONSTRAINTS PER MONOMER, INCLUDING CONSTRAINTS BETWEEN THE MONOMERS. THE C2 SYMMETRY CONSTRAINT DOUBLES THIS NUMBER OF CONSTRAINTS FOR THE DIMER. 100 STRUCTURES WERE GENERATED USING DSPACE, OF WHICH THE 10 WITH THE FEWEST VIOLATIONS FROM THE DISTANCE CONSTRAINTS WERE CHOSEN FOR THE AVERAGE STRUCTURE. THIS AVERAGE STRUCTURE WAS FURTHER REFINED BY CONSTRAINED MINIMIZATION WITH DISCOVER USING THE ALL-ATOM AMBER FORCE FIELD AND A DIELECTRIC CONSTANT OF 2.0 TO EMULATE THAT OF THE MICELLE INTERIOR.
;
_pdbx_nmr_refine.software_ordinal   1 
# 
loop_
_pdbx_nmr_software.classification 
_pdbx_nmr_software.name 
_pdbx_nmr_software.version 
_pdbx_nmr_software.authors 
_pdbx_nmr_software.ordinal 
refinement           'DISCOVER 97.2' ? BIOSYM/MSI 1 
'structure solution' 'VNMR 3.2'      ? ?          2 
'structure solution' 'FELIX 95.0'    ? ?          3 
'structure solution' 'DSPACE 4.0'    ? ?          4 
# 
loop_
_chem_comp_atom.comp_id 
_chem_comp_atom.atom_id 
_chem_comp_atom.type_symbol 
_chem_comp_atom.pdbx_aromatic_flag 
_chem_comp_atom.pdbx_stereo_config 
_chem_comp_atom.pdbx_ordinal 
ALA N    N N N 1   
ALA CA   C N S 2   
ALA C    C N N 3   
ALA O    O N N 4   
ALA CB   C N N 5   
ALA OXT  O N N 6   
ALA H    H N N 7   
ALA H2   H N N 8   
ALA HA   H N N 9   
ALA HB1  H N N 10  
ALA HB2  H N N 11  
ALA HB3  H N N 12  
ALA HXT  H N N 13  
DLE N    N N N 14  
DLE CA   C N R 15  
DLE CB   C N N 16  
DLE CG   C N N 17  
DLE CD1  C N N 18  
DLE CD2  C N N 19  
DLE C    C N N 20  
DLE O    O N N 21  
DLE OXT  O N N 22  
DLE H    H N N 23  
DLE H2   H N N 24  
DLE HA   H N N 25  
DLE HB2  H N N 26  
DLE HB3  H N N 27  
DLE HG   H N N 28  
DLE HD11 H N N 29  
DLE HD12 H N N 30  
DLE HD13 H N N 31  
DLE HD21 H N N 32  
DLE HD22 H N N 33  
DLE HD23 H N N 34  
DLE HXT  H N N 35  
DVA N    N N N 36  
DVA CA   C N R 37  
DVA CB   C N N 38  
DVA CG1  C N N 39  
DVA CG2  C N N 40  
DVA C    C N N 41  
DVA O    O N N 42  
DVA OXT  O N N 43  
DVA H    H N N 44  
DVA H2   H N N 45  
DVA HA   H N N 46  
DVA HB   H N N 47  
DVA HG11 H N N 48  
DVA HG12 H N N 49  
DVA HG13 H N N 50  
DVA HG21 H N N 51  
DVA HG22 H N N 52  
DVA HG23 H N N 53  
DVA HXT  H N N 54  
ETA CA   C N N 55  
ETA N    N N N 56  
ETA C    C N N 57  
ETA O    O N N 58  
ETA HA1  H N N 59  
ETA HA2  H N N 60  
ETA H    H N N 61  
ETA H2   H N N 62  
ETA HB1  H N N 63  
ETA HB2  H N N 64  
ETA HO   H N N 65  
FVA C    C N N 66  
FVA N    N N N 67  
FVA O    O N N 68  
FVA CA   C N S 69  
FVA CB   C N N 70  
FVA CG1  C N N 71  
FVA CG2  C N N 72  
FVA H    H N N 73  
FVA HA   H N N 74  
FVA HB   H N N 75  
FVA HG11 H N N 76  
FVA HG12 H N N 77  
FVA HG13 H N N 78  
FVA HG21 H N N 79  
FVA HG22 H N N 80  
FVA HG23 H N N 81  
FVA O1   O N N 82  
FVA CN   C N N 83  
FVA HN   H N N 84  
FVA OXT  O N N 85  
FVA HXT  H N N 86  
GLY N    N N N 87  
GLY CA   C N N 88  
GLY C    C N N 89  
GLY O    O N N 90  
GLY OXT  O N N 91  
GLY H    H N N 92  
GLY H2   H N N 93  
GLY HA2  H N N 94  
GLY HA3  H N N 95  
GLY HXT  H N N 96  
TRP N    N N N 97  
TRP CA   C N S 98  
TRP C    C N N 99  
TRP O    O N N 100 
TRP CB   C N N 101 
TRP CG   C Y N 102 
TRP CD1  C Y N 103 
TRP CD2  C Y N 104 
TRP NE1  N Y N 105 
TRP CE2  C Y N 106 
TRP CE3  C Y N 107 
TRP CZ2  C Y N 108 
TRP CZ3  C Y N 109 
TRP CH2  C Y N 110 
TRP OXT  O N N 111 
TRP H    H N N 112 
TRP H2   H N N 113 
TRP HA   H N N 114 
TRP HB2  H N N 115 
TRP HB3  H N N 116 
TRP HD1  H N N 117 
TRP HE1  H N N 118 
TRP HE3  H N N 119 
TRP HZ2  H N N 120 
TRP HZ3  H N N 121 
TRP HH2  H N N 122 
TRP HXT  H N N 123 
VAL N    N N N 124 
VAL CA   C N S 125 
VAL C    C N N 126 
VAL O    O N N 127 
VAL CB   C N N 128 
VAL CG1  C N N 129 
VAL CG2  C N N 130 
VAL OXT  O N N 131 
VAL H    H N N 132 
VAL H2   H N N 133 
VAL HA   H N N 134 
VAL HB   H N N 135 
VAL HG11 H N N 136 
VAL HG12 H N N 137 
VAL HG13 H N N 138 
VAL HG21 H N N 139 
VAL HG22 H N N 140 
VAL HG23 H N N 141 
VAL HXT  H N N 142 
# 
loop_
_chem_comp_bond.comp_id 
_chem_comp_bond.atom_id_1 
_chem_comp_bond.atom_id_2 
_chem_comp_bond.value_order 
_chem_comp_bond.pdbx_aromatic_flag 
_chem_comp_bond.pdbx_stereo_config 
_chem_comp_bond.pdbx_ordinal 
ALA N    CA   sing N N 1   
ALA N    H    sing N N 2   
ALA N    H2   sing N N 3   
ALA CA   C    sing N N 4   
ALA CA   CB   sing N N 5   
ALA CA   HA   sing N N 6   
ALA C    O    doub N N 7   
ALA C    OXT  sing N N 8   
ALA CB   HB1  sing N N 9   
ALA CB   HB2  sing N N 10  
ALA CB   HB3  sing N N 11  
ALA OXT  HXT  sing N N 12  
DLE N    CA   sing N N 13  
DLE N    H    sing N N 14  
DLE N    H2   sing N N 15  
DLE CA   CB   sing N N 16  
DLE CA   C    sing N N 17  
DLE CA   HA   sing N N 18  
DLE CB   CG   sing N N 19  
DLE CB   HB2  sing N N 20  
DLE CB   HB3  sing N N 21  
DLE CG   CD1  sing N N 22  
DLE CG   CD2  sing N N 23  
DLE CG   HG   sing N N 24  
DLE CD1  HD11 sing N N 25  
DLE CD1  HD12 sing N N 26  
DLE CD1  HD13 sing N N 27  
DLE CD2  HD21 sing N N 28  
DLE CD2  HD22 sing N N 29  
DLE CD2  HD23 sing N N 30  
DLE C    O    doub N N 31  
DLE C    OXT  sing N N 32  
DLE OXT  HXT  sing N N 33  
DVA N    CA   sing N N 34  
DVA N    H    sing N N 35  
DVA N    H2   sing N N 36  
DVA CA   CB   sing N N 37  
DVA CA   C    sing N N 38  
DVA CA   HA   sing N N 39  
DVA CB   CG1  sing N N 40  
DVA CB   CG2  sing N N 41  
DVA CB   HB   sing N N 42  
DVA CG1  HG11 sing N N 43  
DVA CG1  HG12 sing N N 44  
DVA CG1  HG13 sing N N 45  
DVA CG2  HG21 sing N N 46  
DVA CG2  HG22 sing N N 47  
DVA CG2  HG23 sing N N 48  
DVA C    O    doub N N 49  
DVA C    OXT  sing N N 50  
DVA OXT  HXT  sing N N 51  
ETA CA   N    sing N N 52  
ETA CA   C    sing N N 53  
ETA CA   HA1  sing N N 54  
ETA CA   HA2  sing N N 55  
ETA N    H    sing N N 56  
ETA N    H2   sing N N 57  
ETA C    O    sing N N 58  
ETA C    HB1  sing N N 59  
ETA C    HB2  sing N N 60  
ETA O    HO   sing N N 61  
FVA O    C    doub N N 62  
FVA C    CA   sing N N 63  
FVA H    N    sing N N 64  
FVA N    CN   sing N N 65  
FVA N    CA   sing N N 66  
FVA CB   CA   sing N N 67  
FVA CA   HA   sing N N 68  
FVA HB   CB   sing N N 69  
FVA CB   CG2  sing N N 70  
FVA CB   CG1  sing N N 71  
FVA HG13 CG1  sing N N 72  
FVA HG12 CG1  sing N N 73  
FVA CG1  HG11 sing N N 74  
FVA HG22 CG2  sing N N 75  
FVA HG23 CG2  sing N N 76  
FVA CG2  HG21 sing N N 77  
FVA CN   O1   doub N N 78  
FVA HN   CN   sing N N 79  
FVA C    OXT  sing N N 80  
FVA OXT  HXT  sing N N 81  
GLY N    CA   sing N N 82  
GLY N    H    sing N N 83  
GLY N    H2   sing N N 84  
GLY CA   C    sing N N 85  
GLY CA   HA2  sing N N 86  
GLY CA   HA3  sing N N 87  
GLY C    O    doub N N 88  
GLY C    OXT  sing N N 89  
GLY OXT  HXT  sing N N 90  
TRP N    CA   sing N N 91  
TRP N    H    sing N N 92  
TRP N    H2   sing N N 93  
TRP CA   C    sing N N 94  
TRP CA   CB   sing N N 95  
TRP CA   HA   sing N N 96  
TRP C    O    doub N N 97  
TRP C    OXT  sing N N 98  
TRP CB   CG   sing N N 99  
TRP CB   HB2  sing N N 100 
TRP CB   HB3  sing N N 101 
TRP CG   CD1  doub Y N 102 
TRP CG   CD2  sing Y N 103 
TRP CD1  NE1  sing Y N 104 
TRP CD1  HD1  sing N N 105 
TRP CD2  CE2  doub Y N 106 
TRP CD2  CE3  sing Y N 107 
TRP NE1  CE2  sing Y N 108 
TRP NE1  HE1  sing N N 109 
TRP CE2  CZ2  sing Y N 110 
TRP CE3  CZ3  doub Y N 111 
TRP CE3  HE3  sing N N 112 
TRP CZ2  CH2  doub Y N 113 
TRP CZ2  HZ2  sing N N 114 
TRP CZ3  CH2  sing Y N 115 
TRP CZ3  HZ3  sing N N 116 
TRP CH2  HH2  sing N N 117 
TRP OXT  HXT  sing N N 118 
VAL N    CA   sing N N 119 
VAL N    H    sing N N 120 
VAL N    H2   sing N N 121 
VAL CA   C    sing N N 122 
VAL CA   CB   sing N N 123 
VAL CA   HA   sing N N 124 
VAL C    O    doub N N 125 
VAL C    OXT  sing N N 126 
VAL CB   CG1  sing N N 127 
VAL CB   CG2  sing N N 128 
VAL CB   HB   sing N N 129 
VAL CG1  HG11 sing N N 130 
VAL CG1  HG12 sing N N 131 
VAL CG1  HG13 sing N N 132 
VAL CG2  HG21 sing N N 133 
VAL CG2  HG22 sing N N 134 
VAL CG2  HG23 sing N N 135 
VAL OXT  HXT  sing N N 136 
# 
_pdbx_nmr_spectrometer.spectrometer_id   1 
_pdbx_nmr_spectrometer.model             VXRS 
_pdbx_nmr_spectrometer.manufacturer      Varian 
_pdbx_nmr_spectrometer.field_strength    500 
_pdbx_nmr_spectrometer.type              ? 
# 
_atom_sites.entry_id                    1NG8 
_atom_sites.fract_transf_matrix[1][1]   1.000000 
_atom_sites.fract_transf_matrix[1][2]   0.000000 
_atom_sites.fract_transf_matrix[1][3]   0.000000 
_atom_sites.fract_transf_matrix[2][1]   0.000000 
_atom_sites.fract_transf_matrix[2][2]   1.000000 
_atom_sites.fract_transf_matrix[2][3]   0.000000 
_atom_sites.fract_transf_matrix[3][1]   0.000000 
_atom_sites.fract_transf_matrix[3][2]   0.000000 
_atom_sites.fract_transf_matrix[3][3]   1.000000 
_atom_sites.fract_transf_vector[1]      0.00000 
_atom_sites.fract_transf_vector[2]      0.00000 
_atom_sites.fract_transf_vector[3]      0.00000 
# 
loop_
_atom_type.symbol 
C 
H 
N 
O 
# 
loop_
_atom_site.group_PDB 
_atom_site.id 
_atom_site.type_symbol 
_atom_site.label_atom_id 
_atom_site.label_alt_id 
_atom_site.label_comp_id 
_atom_site.label_asym_id 
_atom_site.label_entity_id 
_atom_site.label_seq_id 
_atom_site.pdbx_PDB_ins_code 
_atom_site.Cartn_x 
_atom_site.Cartn_y 
_atom_site.Cartn_z 
_atom_site.occupancy 
_atom_site.B_iso_or_equiv 
_atom_site.pdbx_formal_charge 
_atom_site.auth_seq_id 
_atom_site.auth_comp_id 
_atom_site.auth_asym_id 
_atom_site.auth_atom_id 
_atom_site.pdbx_PDB_model_num 
HETATM 1   C C    . FVA A 1 1  ? 1.120   -3.460  1.061   1.00 0.00 ? 1  FVA A C    1 
HETATM 2   N N    . FVA A 1 1  ? 3.404   -2.593  0.533   1.00 0.00 ? 1  FVA A N    1 
HETATM 3   O O    . FVA A 1 1  ? 1.013   -2.653  1.981   1.00 0.00 ? 1  FVA A O    1 
HETATM 4   C CA   . FVA A 1 1  ? 2.506   -3.757  0.455   1.00 0.00 ? 1  FVA A CA   1 
HETATM 5   C CB   . FVA A 1 1  ? 3.141   -5.026  1.088   1.00 0.00 ? 1  FVA A CB   1 
HETATM 6   C CG1  . FVA A 1 1  ? 4.593   -5.266  0.639   1.00 0.00 ? 1  FVA A CG1  1 
HETATM 7   C CG2  . FVA A 1 1  ? 3.092   -5.043  2.627   1.00 0.00 ? 1  FVA A CG2  1 
HETATM 8   H H    . FVA A 1 1  ? 3.311   -1.969  1.325   1.00 0.00 ? 1  FVA A H    1 
HETATM 9   H HA   . FVA A 1 1  ? 2.348   -3.960  -0.603  1.00 0.00 ? 1  FVA A HA   1 
HETATM 10  H HB   . FVA A 1 1  ? 2.556   -5.884  0.750   1.00 0.00 ? 1  FVA A HB   1 
HETATM 11  H HG12 . FVA A 1 1  ? 4.668   -5.238  -0.446  1.00 0.00 ? 1  FVA A HG12 1 
HETATM 12  H HG13 . FVA A 1 1  ? 4.930   -6.245  0.982   1.00 0.00 ? 1  FVA A HG13 1 
HETATM 13  O O1   . FVA A 1 1  ? 4.387   -2.879  -1.470  1.00 0.00 ? 1  FVA A O1   1 
HETATM 14  C CN   . FVA A 1 1  ? 4.248   -2.222  -0.439  1.00 0.00 ? 1  FVA A CN   1 
HETATM 15  H HG22 . FVA A 1 1  ? 2.062   -5.028  2.983   1.00 0.00 ? 1  FVA A HG22 1 
HETATM 16  H HG23 . FVA A 1 1  ? 3.623   -4.187  3.033   1.00 0.00 ? 1  FVA A HG23 1 
HETATM 17  H HN   . FVA A 1 1  ? 4.831   -1.312  -0.313  1.00 0.00 ? 1  FVA A HN   1 
HETATM 18  H HG1  . FVA A 1 1  ? 5.255   -4.506  1.058   1.00 0.00 ? 1  FVA A HG1  1 
HETATM 19  H HG2  . FVA A 1 1  ? 3.561   -5.954  3.001   1.00 0.00 ? 1  FVA A HG2  1 
ATOM   20  N N    . GLY A 1 2  ? 0.070   -4.150  0.590   1.00 0.00 ? 2  GLY A N    1 
ATOM   21  C CA   . GLY A 1 2  ? -1.277  -4.151  1.176   1.00 0.00 ? 2  GLY A CA   1 
ATOM   22  C C    . GLY A 1 2  ? -2.371  -3.687  0.202   1.00 0.00 ? 2  GLY A C    1 
ATOM   23  O O    . GLY A 1 2  ? -3.065  -4.516  -0.388  1.00 0.00 ? 2  GLY A O    1 
ATOM   24  H H    . GLY A 1 2  ? 0.255   -4.797  -0.168  1.00 0.00 ? 2  GLY A H    1 
ATOM   25  H HA2  . GLY A 1 2  ? -1.501  -5.176  1.472   1.00 0.00 ? 2  GLY A HA2  1 
ATOM   26  H HA3  . GLY A 1 2  ? -1.326  -3.541  2.079   1.00 0.00 ? 2  GLY A HA3  1 
ATOM   27  N N    . ALA A 1 3  ? -2.548  -2.369  0.043   1.00 0.00 ? 3  ALA A N    1 
ATOM   28  C CA   . ALA A 1 3  ? -3.531  -1.770  -0.867  1.00 0.00 ? 3  ALA A CA   1 
ATOM   29  C C    . ALA A 1 3  ? -3.065  -0.409  -1.419  1.00 0.00 ? 3  ALA A C    1 
ATOM   30  O O    . ALA A 1 3  ? -2.305  0.319   -0.780  1.00 0.00 ? 3  ALA A O    1 
ATOM   31  C CB   . ALA A 1 3  ? -4.897  -1.662  -0.177  1.00 0.00 ? 3  ALA A CB   1 
ATOM   32  H H    . ALA A 1 3  ? -1.961  -1.736  0.576   1.00 0.00 ? 3  ALA A H    1 
ATOM   33  H HA   . ALA A 1 3  ? -3.651  -2.435  -1.724  1.00 0.00 ? 3  ALA A HA   1 
ATOM   34  H HB1  . ALA A 1 3  ? -4.826  -1.038  0.713   1.00 0.00 ? 3  ALA A HB1  1 
ATOM   35  H HB2  . ALA A 1 3  ? -5.625  -1.219  -0.859  1.00 0.00 ? 3  ALA A HB2  1 
ATOM   36  H HB3  . ALA A 1 3  ? -5.253  -2.653  0.109   1.00 0.00 ? 3  ALA A HB3  1 
HETATM 37  N N    . DLE A 1 4  ? -3.517  -0.085  -2.635  1.00 0.00 ? 4  DLE A N    1 
HETATM 38  C CA   . DLE A 1 4  ? -2.984  0.980   -3.481  1.00 0.00 ? 4  DLE A CA   1 
HETATM 39  C CB   . DLE A 1 4  ? -4.158  1.628   -4.236  1.00 0.00 ? 4  DLE A CB   1 
HETATM 40  C CG   . DLE A 1 4  ? -3.808  2.716   -5.274  1.00 0.00 ? 4  DLE A CG   1 
HETATM 41  C CD1  . DLE A 1 4  ? -2.826  3.767   -4.735  1.00 0.00 ? 4  DLE A CD1  1 
HETATM 42  C CD2  . DLE A 1 4  ? -3.287  2.149   -6.603  1.00 0.00 ? 4  DLE A CD2  1 
HETATM 43  C C    . DLE A 1 4  ? -1.924  0.379   -4.421  1.00 0.00 ? 4  DLE A C    1 
HETATM 44  O O    . DLE A 1 4  ? -2.219  -0.567  -5.150  1.00 0.00 ? 4  DLE A O    1 
HETATM 45  H H    . DLE A 1 4  ? -4.156  -0.731  -3.083  1.00 0.00 ? 4  DLE A H    1 
HETATM 46  H HA   . DLE A 1 4  ? -2.543  1.755   -2.857  1.00 0.00 ? 4  DLE A HA   1 
HETATM 47  H HB2  . DLE A 1 4  ? -4.736  0.845   -4.725  1.00 0.00 ? 4  DLE A HB2  1 
HETATM 48  H HB3  . DLE A 1 4  ? -4.811  2.086   -3.490  1.00 0.00 ? 4  DLE A HB3  1 
HETATM 49  H HG   . DLE A 1 4  ? -4.747  3.226   -5.502  1.00 0.00 ? 4  DLE A HG   1 
HETATM 50  H HD11 . DLE A 1 4  ? -3.191  4.176   -3.793  1.00 0.00 ? 4  DLE A HD11 1 
HETATM 51  H HD12 . DLE A 1 4  ? -1.842  3.330   -4.574  1.00 0.00 ? 4  DLE A HD12 1 
HETATM 52  H HD13 . DLE A 1 4  ? -2.722  4.577   -5.460  1.00 0.00 ? 4  DLE A HD13 1 
HETATM 53  H HD21 . DLE A 1 4  ? -3.830  1.250   -6.889  1.00 0.00 ? 4  DLE A HD21 1 
HETATM 54  H HD22 . DLE A 1 4  ? -3.428  2.898   -7.380  1.00 0.00 ? 4  DLE A HD22 1 
HETATM 55  H HD23 . DLE A 1 4  ? -2.228  1.912   -6.540  1.00 0.00 ? 4  DLE A HD23 1 
ATOM   56  N N    . ALA A 1 5  ? -0.698  0.919   -4.415  1.00 0.00 ? 5  ALA A N    1 
ATOM   57  C CA   . ALA A 1 5  ? 0.413   0.491   -5.272  1.00 0.00 ? 5  ALA A CA   1 
ATOM   58  C C    . ALA A 1 5  ? 1.468   -0.321  -4.504  1.00 0.00 ? 5  ALA A C    1 
ATOM   59  O O    . ALA A 1 5  ? 1.879   0.077   -3.414  1.00 0.00 ? 5  ALA A O    1 
ATOM   60  C CB   . ALA A 1 5  ? 1.058   1.715   -5.930  1.00 0.00 ? 5  ALA A CB   1 
ATOM   61  H H    . ALA A 1 5  ? -0.527  1.675   -3.766  1.00 0.00 ? 5  ALA A H    1 
ATOM   62  H HA   . ALA A 1 5  ? 0.022   -0.119  -6.084  1.00 0.00 ? 5  ALA A HA   1 
ATOM   63  H HB1  . ALA A 1 5  ? 0.291   2.357   -6.364  1.00 0.00 ? 5  ALA A HB1  1 
ATOM   64  H HB2  . ALA A 1 5  ? 1.624   2.282   -5.192  1.00 0.00 ? 5  ALA A HB2  1 
ATOM   65  H HB3  . ALA A 1 5  ? 1.737   1.395   -6.719  1.00 0.00 ? 5  ALA A HB3  1 
HETATM 66  N N    . DVA A 1 6  ? 1.946   -1.422  -5.103  1.00 0.00 ? 6  DVA A N    1 
HETATM 67  C CA   . DVA A 1 6  ? 3.017   -2.277  -4.576  1.00 0.00 ? 6  DVA A CA   1 
HETATM 68  C CB   . DVA A 1 6  ? 4.343   -1.960  -5.305  1.00 0.00 ? 6  DVA A CB   1 
HETATM 69  C CG1  . DVA A 1 6  ? 4.722   -0.472  -5.183  1.00 0.00 ? 6  DVA A CG1  1 
HETATM 70  C CG2  . DVA A 1 6  ? 5.511   -2.801  -4.763  1.00 0.00 ? 6  DVA A CG2  1 
HETATM 71  C C    . DVA A 1 6  ? 2.624   -3.764  -4.709  1.00 0.00 ? 6  DVA A C    1 
HETATM 72  O O    . DVA A 1 6  ? 2.117   -4.178  -5.752  1.00 0.00 ? 6  DVA A O    1 
HETATM 73  H H    . DVA A 1 6  ? 1.551   -1.677  -6.000  1.00 0.00 ? 6  DVA A H    1 
HETATM 74  H HA   . DVA A 1 6  ? 3.158   -2.057  -3.517  1.00 0.00 ? 6  DVA A HA   1 
HETATM 75  H HB   . DVA A 1 6  ? 4.219   -2.194  -6.363  1.00 0.00 ? 6  DVA A HB   1 
HETATM 76  H HG11 . DVA A 1 6  ? 4.796   -0.191  -4.132  1.00 0.00 ? 6  DVA A HG11 1 
HETATM 77  H HG12 . DVA A 1 6  ? 5.682   -0.290  -5.666  1.00 0.00 ? 6  DVA A HG12 1 
HETATM 78  H HG13 . DVA A 1 6  ? 3.978   0.159   -5.669  1.00 0.00 ? 6  DVA A HG13 1 
HETATM 79  H HG21 . DVA A 1 6  ? 5.328   -3.861  -4.930  1.00 0.00 ? 6  DVA A HG21 1 
HETATM 80  H HG22 . DVA A 1 6  ? 6.436   -2.532  -5.275  1.00 0.00 ? 6  DVA A HG22 1 
HETATM 81  H HG23 . DVA A 1 6  ? 5.644   -2.622  -3.696  1.00 0.00 ? 6  DVA A HG23 1 
ATOM   82  N N    . VAL A 1 7  ? 2.847   -4.565  -3.655  1.00 0.00 ? 7  VAL A N    1 
ATOM   83  C CA   . VAL A 1 7  ? 2.387   -5.958  -3.558  1.00 0.00 ? 7  VAL A CA   1 
ATOM   84  C C    . VAL A 1 7  ? 1.096   -6.003  -2.718  1.00 0.00 ? 7  VAL A C    1 
ATOM   85  O O    . VAL A 1 7  ? 1.147   -5.810  -1.507  1.00 0.00 ? 7  VAL A O    1 
ATOM   86  C CB   . VAL A 1 7  ? 3.481   -6.862  -2.946  1.00 0.00 ? 7  VAL A CB   1 
ATOM   87  C CG1  . VAL A 1 7  ? 3.053   -8.339  -2.985  1.00 0.00 ? 7  VAL A CG1  1 
ATOM   88  C CG2  . VAL A 1 7  ? 4.829   -6.717  -3.674  1.00 0.00 ? 7  VAL A CG2  1 
ATOM   89  H H    . VAL A 1 7  ? 3.300   -4.157  -2.846  1.00 0.00 ? 7  VAL A H    1 
ATOM   90  H HA   . VAL A 1 7  ? 2.183   -6.353  -4.555  1.00 0.00 ? 7  VAL A HA   1 
ATOM   91  H HB   . VAL A 1 7  ? 3.625   -6.582  -1.902  1.00 0.00 ? 7  VAL A HB   1 
ATOM   92  H HG11 . VAL A 1 7  ? 2.904   -8.659  -4.017  1.00 0.00 ? 7  VAL A HG11 1 
ATOM   93  H HG12 . VAL A 1 7  ? 3.824   -8.962  -2.532  1.00 0.00 ? 7  VAL A HG12 1 
ATOM   94  H HG13 . VAL A 1 7  ? 2.126   -8.488  -2.431  1.00 0.00 ? 7  VAL A HG13 1 
ATOM   95  H HG21 . VAL A 1 7  ? 4.704   -6.899  -4.742  1.00 0.00 ? 7  VAL A HG21 1 
ATOM   96  H HG22 . VAL A 1 7  ? 5.232   -5.716  -3.524  1.00 0.00 ? 7  VAL A HG22 1 
ATOM   97  H HG23 . VAL A 1 7  ? 5.548   -7.432  -3.273  1.00 0.00 ? 7  VAL A HG23 1 
HETATM 98  N N    . DVA A 1 8  ? -0.065  -6.232  -3.341  1.00 0.00 ? 8  DVA A N    1 
HETATM 99  C CA   . DVA A 1 8  ? -1.385  -6.087  -2.714  1.00 0.00 ? 8  DVA A CA   1 
HETATM 100 C CB   . DVA A 1 8  ? -1.829  -7.377  -1.978  1.00 0.00 ? 8  DVA A CB   1 
HETATM 101 C CG1  . DVA A 1 8  ? -1.853  -8.604  -2.902  1.00 0.00 ? 8  DVA A CG1  1 
HETATM 102 C CG2  . DVA A 1 8  ? -0.986  -7.693  -0.731  1.00 0.00 ? 8  DVA A CG2  1 
HETATM 103 C C    . DVA A 1 8  ? -2.448  -5.661  -3.745  1.00 0.00 ? 8  DVA A C    1 
HETATM 104 O O    . DVA A 1 8  ? -2.375  -6.035  -4.914  1.00 0.00 ? 8  DVA A O    1 
HETATM 105 H H    . DVA A 1 8  ? -0.044  -6.414  -4.336  1.00 0.00 ? 8  DVA A H    1 
HETATM 106 H HA   . DVA A 1 8  ? -1.314  -5.283  -1.981  1.00 0.00 ? 8  DVA A HA   1 
HETATM 107 H HB   . DVA A 1 8  ? -2.846  -7.214  -1.614  1.00 0.00 ? 8  DVA A HB   1 
HETATM 108 H HG11 . DVA A 1 8  ? -0.856  -8.794  -3.302  1.00 0.00 ? 8  DVA A HG11 1 
HETATM 109 H HG12 . DVA A 1 8  ? -2.181  -9.482  -2.346  1.00 0.00 ? 8  DVA A HG12 1 
HETATM 110 H HG13 . DVA A 1 8  ? -2.547  -8.442  -3.726  1.00 0.00 ? 8  DVA A HG13 1 
HETATM 111 H HG21 . DVA A 1 8  ? -0.910  -6.812  -0.095  1.00 0.00 ? 8  DVA A HG21 1 
HETATM 112 H HG22 . DVA A 1 8  ? -1.462  -8.487  -0.156  1.00 0.00 ? 8  DVA A HG22 1 
HETATM 113 H HG23 . DVA A 1 8  ? 0.014   -8.024  -1.010  1.00 0.00 ? 8  DVA A HG23 1 
ATOM   114 N N    . TRP A 1 9  ? -3.473  -4.923  -3.297  1.00 0.00 ? 9  TRP A N    1 
ATOM   115 C CA   . TRP A 1 9  ? -4.667  -4.611  -4.088  1.00 0.00 ? 9  TRP A CA   1 
ATOM   116 C C    . TRP A 1 9  ? -4.605  -3.226  -4.771  1.00 0.00 ? 9  TRP A C    1 
ATOM   117 O O    . TRP A 1 9  ? -4.772  -2.204  -4.108  1.00 0.00 ? 9  TRP A O    1 
ATOM   118 C CB   . TRP A 1 9  ? -5.908  -4.743  -3.190  1.00 0.00 ? 9  TRP A CB   1 
ATOM   119 C CG   . TRP A 1 9  ? -7.206  -4.510  -3.906  1.00 0.00 ? 9  TRP A CG   1 
ATOM   120 C CD1  . TRP A 1 9  ? -7.809  -5.388  -4.739  1.00 0.00 ? 9  TRP A CD1  1 
ATOM   121 C CD2  . TRP A 1 9  ? -8.019  -3.299  -3.948  1.00 0.00 ? 9  TRP A CD2  1 
ATOM   122 N NE1  . TRP A 1 9  ? -8.924  -4.812  -5.308  1.00 0.00 ? 9  TRP A NE1  1 
ATOM   123 C CE2  . TRP A 1 9  ? -9.104  -3.519  -4.855  1.00 0.00 ? 9  TRP A CE2  1 
ATOM   124 C CE3  . TRP A 1 9  ? -7.942  -2.028  -3.326  1.00 0.00 ? 9  TRP A CE3  1 
ATOM   125 C CZ2  . TRP A 1 9  ? -10.062 -2.527  -5.135  1.00 0.00 ? 9  TRP A CZ2  1 
ATOM   126 C CZ3  . TRP A 1 9  ? -8.906  -1.030  -3.587  1.00 0.00 ? 9  TRP A CZ3  1 
ATOM   127 C CH2  . TRP A 1 9  ? -9.961  -1.275  -4.493  1.00 0.00 ? 9  TRP A CH2  1 
ATOM   128 H H    . TRP A 1 9  ? -3.471  -4.661  -2.320  1.00 0.00 ? 9  TRP A H    1 
ATOM   129 H HA   . TRP A 1 9  ? -4.788  -5.371  -4.861  1.00 0.00 ? 9  TRP A HA   1 
ATOM   130 H HB2  . TRP A 1 9  ? -5.932  -5.745  -2.755  1.00 0.00 ? 9  TRP A HB2  1 
ATOM   131 H HB3  . TRP A 1 9  ? -5.833  -4.031  -2.365  1.00 0.00 ? 9  TRP A HB3  1 
ATOM   132 H HD1  . TRP A 1 9  ? -7.444  -6.381  -4.958  1.00 0.00 ? 9  TRP A HD1  1 
ATOM   133 H HE1  . TRP A 1 9  ? -9.522  -5.251  -5.998  1.00 0.00 ? 9  TRP A HE1  1 
ATOM   134 H HE3  . TRP A 1 9  ? -7.131  -1.819  -2.645  1.00 0.00 ? 9  TRP A HE3  1 
ATOM   135 H HZ2  . TRP A 1 9  ? -10.866 -2.724  -5.830  1.00 0.00 ? 9  TRP A HZ2  1 
ATOM   136 H HZ3  . TRP A 1 9  ? -8.828  -0.071  -3.093  1.00 0.00 ? 9  TRP A HZ3  1 
ATOM   137 H HH2  . TRP A 1 9  ? -10.691 -0.503  -4.693  1.00 0.00 ? 9  TRP A HH2  1 
HETATM 138 N N    . DLE A 1 10 ? -4.457  -3.202  -6.105  1.00 0.00 ? 10 DLE A N    1 
HETATM 139 C CA   . DLE A 1 10 ? -4.695  -2.030  -6.957  1.00 0.00 ? 10 DLE A CA   1 
HETATM 140 C CB   . DLE A 1 10 ? -6.161  -2.084  -7.449  1.00 0.00 ? 10 DLE A CB   1 
HETATM 141 C CG   . DLE A 1 10 ? -6.798  -0.750  -7.892  1.00 0.00 ? 10 DLE A CG   1 
HETATM 142 C CD1  . DLE A 1 10 ? -6.934  0.233   -6.720  1.00 0.00 ? 10 DLE A CD1  1 
HETATM 143 C CD2  . DLE A 1 10 ? -6.068  -0.088  -9.069  1.00 0.00 ? 10 DLE A CD2  1 
HETATM 144 C C    . DLE A 1 10 ? -3.669  -1.985  -8.111  1.00 0.00 ? 10 DLE A C    1 
HETATM 145 O O    . DLE A 1 10 ? -3.910  -2.521  -9.191  1.00 0.00 ? 10 DLE A O    1 
HETATM 146 H H    . DLE A 1 10 ? -4.318  -4.088  -6.574  1.00 0.00 ? 10 DLE A H    1 
HETATM 147 H HA   . DLE A 1 10 ? -4.572  -1.123  -6.364  1.00 0.00 ? 10 DLE A HA   1 
HETATM 148 H HB2  . DLE A 1 10 ? -6.240  -2.793  -8.273  1.00 0.00 ? 10 DLE A HB2  1 
HETATM 149 H HB3  . DLE A 1 10 ? -6.787  -2.465  -6.640  1.00 0.00 ? 10 DLE A HB3  1 
HETATM 150 H HG   . DLE A 1 10 ? -7.810  -0.988  -8.227  1.00 0.00 ? 10 DLE A HG   1 
HETATM 151 H HD11 . DLE A 1 10 ? -7.311  -0.277  -5.832  1.00 0.00 ? 10 DLE A HD11 1 
HETATM 152 H HD12 . DLE A 1 10 ? -5.972  0.675   -6.489  1.00 0.00 ? 10 DLE A HD12 1 
HETATM 153 H HD13 . DLE A 1 10 ? -7.621  1.037   -6.982  1.00 0.00 ? 10 DLE A HD13 1 
HETATM 154 H HD21 . DLE A 1 10 ? -5.975  -0.793  -9.895  1.00 0.00 ? 10 DLE A HD21 1 
HETATM 155 H HD22 . DLE A 1 10 ? -6.634  0.779   -9.410  1.00 0.00 ? 10 DLE A HD22 1 
HETATM 156 H HD23 . DLE A 1 10 ? -5.076  0.246   -8.768  1.00 0.00 ? 10 DLE A HD23 1 
ATOM   157 N N    . TRP A 1 11 ? -2.518  -1.340  -7.878  1.00 0.00 ? 11 TRP A N    1 
ATOM   158 C CA   . TRP A 1 11 ? -1.386  -1.237  -8.804  1.00 0.00 ? 11 TRP A CA   1 
ATOM   159 C C    . TRP A 1 11 ? -0.188  -2.105  -8.374  1.00 0.00 ? 11 TRP A C    1 
ATOM   160 O O    . TRP A 1 11 ? 0.066   -2.318  -7.189  1.00 0.00 ? 11 TRP A O    1 
ATOM   161 C CB   . TRP A 1 11 ? -0.964  0.241   -8.944  1.00 0.00 ? 11 TRP A CB   1 
ATOM   162 C CG   . TRP A 1 11 ? -1.876  1.156   -9.717  1.00 0.00 ? 11 TRP A CG   1 
ATOM   163 C CD1  . TRP A 1 11 ? -2.818  0.779   -10.614 1.00 0.00 ? 11 TRP A CD1  1 
ATOM   164 C CD2  . TRP A 1 11 ? -1.935  2.617   -9.681  1.00 0.00 ? 11 TRP A CD2  1 
ATOM   165 N NE1  . TRP A 1 11 ? -3.467  1.885   -11.120 1.00 0.00 ? 11 TRP A NE1  1 
ATOM   166 C CE2  . TRP A 1 11 ? -2.963  3.048   -10.578 1.00 0.00 ? 11 TRP A CE2  1 
ATOM   167 C CE3  . TRP A 1 11 ? -1.234  3.625   -8.972  1.00 0.00 ? 11 TRP A CE3  1 
ATOM   168 C CZ2  . TRP A 1 11 ? -3.281  4.407   -10.762 1.00 0.00 ? 11 TRP A CZ2  1 
ATOM   169 C CZ3  . TRP A 1 11 ? -1.545  4.992   -9.147  1.00 0.00 ? 11 TRP A CZ3  1 
ATOM   170 C CH2  . TRP A 1 11 ? -2.565  5.384   -10.040 1.00 0.00 ? 11 TRP A CH2  1 
ATOM   171 H H    . TRP A 1 11 ? -2.400  -0.927  -6.963  1.00 0.00 ? 11 TRP A H    1 
ATOM   172 H HA   . TRP A 1 11 ? -1.682  -1.600  -9.790  1.00 0.00 ? 11 TRP A HA   1 
ATOM   173 H HB2  . TRP A 1 11 ? -0.850  0.670   -7.950  1.00 0.00 ? 11 TRP A HB2  1 
ATOM   174 H HB3  . TRP A 1 11 ? 0.021   0.293   -9.409  1.00 0.00 ? 11 TRP A HB3  1 
ATOM   175 H HD1  . TRP A 1 11 ? -3.040  -0.239  -10.898 1.00 0.00 ? 11 TRP A HD1  1 
ATOM   176 H HE1  . TRP A 1 11 ? -4.215  1.871   -11.798 1.00 0.00 ? 11 TRP A HE1  1 
ATOM   177 H HE3  . TRP A 1 11 ? -0.460  3.345   -8.274  1.00 0.00 ? 11 TRP A HE3  1 
ATOM   178 H HZ2  . TRP A 1 11 ? -4.064  4.697   -11.447 1.00 0.00 ? 11 TRP A HZ2  1 
ATOM   179 H HZ3  . TRP A 1 11 ? -1.001  5.743   -8.592  1.00 0.00 ? 11 TRP A HZ3  1 
ATOM   180 H HH2  . TRP A 1 11 ? -2.798  6.431   -10.169 1.00 0.00 ? 11 TRP A HH2  1 
HETATM 181 N N    . DLE A 1 12 ? 0.587   -2.559  -9.367  1.00 0.00 ? 12 DLE A N    1 
HETATM 182 C CA   . DLE A 1 12 ? 1.885   -3.212  -9.198  1.00 0.00 ? 12 DLE A CA   1 
HETATM 183 C CB   . DLE A 1 12 ? 2.887   -2.585  -10.189 1.00 0.00 ? 12 DLE A CB   1 
HETATM 184 C CG   . DLE A 1 12 ? 2.961   -1.043  -10.138 1.00 0.00 ? 12 DLE A CG   1 
HETATM 185 C CD1  . DLE A 1 12 ? 3.194   -0.499  -8.720  1.00 0.00 ? 12 DLE A CD1  1 
HETATM 186 C CD2  . DLE A 1 12 ? 4.086   -0.557  -11.064 1.00 0.00 ? 12 DLE A CD2  1 
HETATM 187 C C    . DLE A 1 12 ? 1.756   -4.737  -9.374  1.00 0.00 ? 12 DLE A C    1 
HETATM 188 O O    . DLE A 1 12 ? 1.914   -5.252  -10.481 1.00 0.00 ? 12 DLE A O    1 
HETATM 189 H H    . DLE A 1 12 ? 0.297   -2.354  -10.311 1.00 0.00 ? 12 DLE A H    1 
HETATM 190 H HA   . DLE A 1 12 ? 2.280   -3.029  -8.197  1.00 0.00 ? 12 DLE A HA   1 
HETATM 191 H HB2  . DLE A 1 12 ? 3.877   -2.995  -9.986  1.00 0.00 ? 12 DLE A HB2  1 
HETATM 192 H HB3  . DLE A 1 12 ? 2.613   -2.868  -11.208 1.00 0.00 ? 12 DLE A HB3  1 
HETATM 193 H HG   . DLE A 1 12 ? 2.020   -0.632  -10.511 1.00 0.00 ? 12 DLE A HG   1 
HETATM 194 H HD11 . DLE A 1 12 ? 4.116   -0.909  -8.311  1.00 0.00 ? 12 DLE A HD11 1 
HETATM 195 H HD12 . DLE A 1 12 ? 3.274   0.589   -8.750  1.00 0.00 ? 12 DLE A HD12 1 
HETATM 196 H HD13 . DLE A 1 12 ? 2.362   -0.753  -8.063  1.00 0.00 ? 12 DLE A HD13 1 
HETATM 197 H HD21 . DLE A 1 12 ? 3.912   -0.912  -12.081 1.00 0.00 ? 12 DLE A HD21 1 
HETATM 198 H HD22 . DLE A 1 12 ? 4.115   0.534   -11.076 1.00 0.00 ? 12 DLE A HD22 1 
HETATM 199 H HD23 . DLE A 1 12 ? 5.049   -0.933  -10.716 1.00 0.00 ? 12 DLE A HD23 1 
ATOM   200 N N    . TRP A 1 13 ? 1.474   -5.458  -8.280  1.00 0.00 ? 13 TRP A N    1 
ATOM   201 C CA   . TRP A 1 13 ? 1.409   -6.923  -8.238  1.00 0.00 ? 13 TRP A CA   1 
ATOM   202 C C    . TRP A 1 13 ? 0.343   -7.421  -7.242  1.00 0.00 ? 13 TRP A C    1 
ATOM   203 O O    . TRP A 1 13 ? 0.218   -6.885  -6.143  1.00 0.00 ? 13 TRP A O    1 
ATOM   204 C CB   . TRP A 1 13 ? 2.798   -7.483  -7.875  1.00 0.00 ? 13 TRP A CB   1 
ATOM   205 C CG   . TRP A 1 13 ? 3.906   -7.147  -8.833  1.00 0.00 ? 13 TRP A CG   1 
ATOM   206 C CD1  . TRP A 1 13 ? 4.235   -7.859  -9.936  1.00 0.00 ? 13 TRP A CD1  1 
ATOM   207 C CD2  . TRP A 1 13 ? 4.789   -5.982  -8.837  1.00 0.00 ? 13 TRP A CD2  1 
ATOM   208 N NE1  . TRP A 1 13 ? 5.259   -7.234  -10.618 1.00 0.00 ? 13 TRP A NE1  1 
ATOM   209 C CE2  . TRP A 1 13 ? 5.631   -6.062  -9.992  1.00 0.00 ? 13 TRP A CE2  1 
ATOM   210 C CE3  . TRP A 1 13 ? 4.951   -4.852  -7.998  1.00 0.00 ? 13 TRP A CE3  1 
ATOM   211 C CZ2  . TRP A 1 13 ? 6.587   -5.075  -10.297 1.00 0.00 ? 13 TRP A CZ2  1 
ATOM   212 C CZ3  . TRP A 1 13 ? 5.897   -3.848  -8.301  1.00 0.00 ? 13 TRP A CZ3  1 
ATOM   213 C CH2  . TRP A 1 13 ? 6.717   -3.960  -9.444  1.00 0.00 ? 13 TRP A CH2  1 
ATOM   214 H H    . TRP A 1 13 ? 1.377   -4.963  -7.400  1.00 0.00 ? 13 TRP A H    1 
ATOM   215 H HA   . TRP A 1 13 ? 1.142   -7.300  -9.229  1.00 0.00 ? 13 TRP A HA   1 
ATOM   216 H HB2  . TRP A 1 13 ? 3.081   -7.117  -6.886  1.00 0.00 ? 13 TRP A HB2  1 
ATOM   217 H HB3  . TRP A 1 13 ? 2.733   -8.571  -7.813  1.00 0.00 ? 13 TRP A HB3  1 
ATOM   218 H HD1  . TRP A 1 13 ? 3.751   -8.774  -10.247 1.00 0.00 ? 13 TRP A HD1  1 
ATOM   219 H HE1  . TRP A 1 13 ? 5.680   -7.557  -11.476 1.00 0.00 ? 13 TRP A HE1  1 
ATOM   220 H HE3  . TRP A 1 13 ? 4.330   -4.755  -7.120  1.00 0.00 ? 13 TRP A HE3  1 
ATOM   221 H HZ2  . TRP A 1 13 ? 7.206   -5.167  -11.177 1.00 0.00 ? 13 TRP A HZ2  1 
ATOM   222 H HZ3  . TRP A 1 13 ? 5.980   -2.975  -7.671  1.00 0.00 ? 13 TRP A HZ3  1 
ATOM   223 H HH2  . TRP A 1 13 ? 7.438   -3.187  -9.671  1.00 0.00 ? 13 TRP A HH2  1 
HETATM 224 N N    . DLE A 1 14 ? -0.393  -8.482  -7.608  1.00 0.00 ? 14 DLE A N    1 
HETATM 225 C CA   . DLE A 1 14 ? -1.379  -9.166  -6.764  1.00 0.00 ? 14 DLE A CA   1 
HETATM 226 C CB   . DLE A 1 14 ? -1.090  -10.684 -6.732  1.00 0.00 ? 14 DLE A CB   1 
HETATM 227 C CG   . DLE A 1 14 ? 0.001   -11.122 -5.732  1.00 0.00 ? 14 DLE A CG   1 
HETATM 228 C CD1  . DLE A 1 14 ? 0.081   -12.657 -5.708  1.00 0.00 ? 14 DLE A CD1  1 
HETATM 229 C CD2  . DLE A 1 14 ? 1.389   -10.550 -6.055  1.00 0.00 ? 14 DLE A CD2  1 
HETATM 230 C C    . DLE A 1 14 ? -2.821  -8.898  -7.246  1.00 0.00 ? 14 DLE A C    1 
HETATM 231 O O    . DLE A 1 14 ? -3.256  -9.469  -8.246  1.00 0.00 ? 14 DLE A O    1 
HETATM 232 H H    . DLE A 1 14 ? -0.235  -8.864  -8.529  1.00 0.00 ? 14 DLE A H    1 
HETATM 233 H HA   . DLE A 1 14 ? -1.301  -8.814  -5.734  1.00 0.00 ? 14 DLE A HA   1 
HETATM 234 H HB2  . DLE A 1 14 ? -2.005  -11.196 -6.424  1.00 0.00 ? 14 DLE A HB2  1 
HETATM 235 H HB3  . DLE A 1 14 ? -0.841  -11.038 -7.735  1.00 0.00 ? 14 DLE A HB3  1 
HETATM 236 H HG   . DLE A 1 14 ? -0.287  -10.787 -4.733  1.00 0.00 ? 14 DLE A HG   1 
HETATM 237 H HD11 . DLE A 1 14 ? 0.374   -13.035 -6.690  1.00 0.00 ? 14 DLE A HD11 1 
HETATM 238 H HD12 . DLE A 1 14 ? 0.816   -12.982 -4.970  1.00 0.00 ? 14 DLE A HD12 1 
HETATM 239 H HD13 . DLE A 1 14 ? -0.888  -13.080 -5.440  1.00 0.00 ? 14 DLE A HD13 1 
HETATM 240 H HD21 . DLE A 1 14 ? 1.649   -10.752 -7.094  1.00 0.00 ? 14 DLE A HD21 1 
HETATM 241 H HD22 . DLE A 1 14 ? 1.403   -9.478  -5.874  1.00 0.00 ? 14 DLE A HD22 1 
HETATM 242 H HD23 . DLE A 1 14 ? 2.139   -11.004 -5.407  1.00 0.00 ? 14 DLE A HD23 1 
ATOM   243 N N    . GLY A 1 15 ? -3.582  -8.087  -6.499  1.00 0.00 ? 15 GLY A N    1 
ATOM   244 C CA   . GLY A 1 15 ? -5.032  -7.926  -6.636  1.00 0.00 ? 15 GLY A CA   1 
ATOM   245 C C    . GLY A 1 15 ? -5.477  -6.650  -7.371  1.00 0.00 ? 15 GLY A C    1 
ATOM   246 O O    . GLY A 1 15 ? -4.708  -5.708  -7.546  1.00 0.00 ? 15 GLY A O    1 
ATOM   247 H H    . GLY A 1 15 ? -3.124  -7.582  -5.751  1.00 0.00 ? 15 GLY A H    1 
ATOM   248 H HA2  . GLY A 1 15 ? -5.462  -8.797  -7.138  1.00 0.00 ? 15 GLY A HA2  1 
ATOM   249 H HA3  . GLY A 1 15 ? -5.454  -7.888  -5.631  1.00 0.00 ? 15 GLY A HA3  1 
HETATM 250 C CA   . ETA A 1 16 ? -7.395  -5.467  -8.400  1.00 0.00 ? 16 ETA A CA   1 
HETATM 251 N N    . ETA A 1 16 ? -6.757  -6.615  -7.767  1.00 0.00 ? 16 ETA A N    1 
HETATM 252 C C    . ETA A 1 16 ? -8.815  -5.820  -8.862  1.00 0.00 ? 16 ETA A C    1 
HETATM 253 O O    . ETA A 1 16 ? -9.626  -6.198  -7.764  1.00 0.00 ? 16 ETA A O    1 
HETATM 254 H HA1  . ETA A 1 16 ? -7.453  -4.647  -7.683  1.00 0.00 ? 16 ETA A HA1  1 
HETATM 255 H HA2  . ETA A 1 16 ? -6.808  -5.145  -9.262  1.00 0.00 ? 16 ETA A HA2  1 
HETATM 256 H H    . ETA A 1 16 ? -7.338  -7.416  -7.572  1.00 0.00 ? 16 ETA A H    1 
HETATM 257 H HB1  . ETA A 1 16 ? -8.775  -6.638  -9.584  1.00 0.00 ? 16 ETA A HB1  1 
HETATM 258 H HB2  . ETA A 1 16 ? -9.259  -4.948  -9.347  1.00 0.00 ? 16 ETA A HB2  1 
HETATM 259 H HO   . ETA A 1 16 ? -10.502 -6.426  -8.089  1.00 0.00 ? 16 ETA A HO   1 
HETATM 260 C C    . FVA B 1 1  ? 0.168   3.494   -1.455  1.00 0.00 ? 1  FVA B C    1 
HETATM 261 N N    . FVA B 1 1  ? 2.397   2.747   -2.303  1.00 0.00 ? 1  FVA B N    1 
HETATM 262 O O    . FVA B 1 1  ? -0.395  2.669   -2.169  1.00 0.00 ? 1  FVA B O    1 
HETATM 263 C CA   . FVA B 1 1  ? 1.640   3.866   -1.721  1.00 0.00 ? 1  FVA B CA   1 
HETATM 264 C CB   . FVA B 1 1  ? 1.751   5.154   -2.582  1.00 0.00 ? 1  FVA B CB   1 
HETATM 265 C CG1  . FVA B 1 1  ? 3.193   5.472   -3.016  1.00 0.00 ? 1  FVA B CG1  1 
HETATM 266 C CG2  . FVA B 1 1  ? 0.851   5.148   -3.830  1.00 0.00 ? 1  FVA B CG2  1 
HETATM 267 H H    . FVA B 1 1  ? 1.908   2.107   -2.919  1.00 0.00 ? 1  FVA B H    1 
HETATM 268 H HA   . FVA B 1 1  ? 2.090   4.078   -0.752  1.00 0.00 ? 1  FVA B HA   1 
HETATM 269 H HB   . FVA B 1 1  ? 1.414   5.988   -1.961  1.00 0.00 ? 1  FVA B HB   1 
HETATM 270 H HG12 . FVA B 1 1  ? 3.861   5.463   -2.158  1.00 0.00 ? 1  FVA B HG12 1 
HETATM 271 H HG13 . FVA B 1 1  ? 3.233   6.462   -3.473  1.00 0.00 ? 1  FVA B HG13 1 
HETATM 272 O O1   . FVA B 1 1  ? 4.315   3.110   -1.186  1.00 0.00 ? 1  FVA B O1   1 
HETATM 273 C CN   . FVA B 1 1  ? 3.656   2.432   -1.974  1.00 0.00 ? 1  FVA B CN   1 
HETATM 274 H HG22 . FVA B 1 1  ? -0.201  5.077   -3.550  1.00 0.00 ? 1  FVA B HG22 1 
HETATM 275 H HG23 . FVA B 1 1  ? 1.107   4.312   -4.475  1.00 0.00 ? 1  FVA B HG23 1 
HETATM 276 H HN   . FVA B 1 1  ? 4.113   1.548   -2.417  1.00 0.00 ? 1  FVA B HN   1 
HETATM 277 H HG1  . FVA B 1 1  ? 3.543   4.739   -3.744  1.00 0.00 ? 1  FVA B HG1  1 
HETATM 278 H HG2  . FVA B 1 1  ? 0.986   6.075   -4.389  1.00 0.00 ? 1  FVA B HG2  1 
ATOM   279 N N    . GLY B 1 2  ? -0.472  4.140   -0.467  1.00 0.00 ? 2  GLY B N    1 
ATOM   280 C CA   . GLY B 1 2  ? -1.915  4.067   -0.202  1.00 0.00 ? 2  GLY B CA   1 
ATOM   281 C C    . GLY B 1 2  ? -2.256  3.564   1.210   1.00 0.00 ? 2  GLY B C    1 
ATOM   282 O O    . GLY B 1 2  ? -2.541  4.368   2.100   1.00 0.00 ? 2  GLY B O    1 
ATOM   283 H H    . GLY B 1 2  ? 0.072   4.805   0.068   1.00 0.00 ? 2  GLY B H    1 
ATOM   284 H HA2  . GLY B 1 2  ? -2.315  5.076   -0.306  1.00 0.00 ? 2  GLY B HA2  1 
ATOM   285 H HA3  . GLY B 1 2  ? -2.430  3.441   -0.932  1.00 0.00 ? 2  GLY B HA3  1 
ATOM   286 N N    . ALA B 1 3  ? -2.250  2.241   1.421   1.00 0.00 ? 3  ALA B N    1 
ATOM   287 C CA   . ALA B 1 3  ? -2.526  1.609   2.716   1.00 0.00 ? 3  ALA B CA   1 
ATOM   288 C C    . ALA B 1 3  ? -1.766  0.281   2.894   1.00 0.00 ? 3  ALA B C    1 
ATOM   289 O O    . ALA B 1 3  ? -1.458  -0.419  1.930   1.00 0.00 ? 3  ALA B O    1 
ATOM   290 C CB   . ALA B 1 3  ? -4.039  1.425   2.905   1.00 0.00 ? 3  ALA B CB   1 
ATOM   291 H H    . ALA B 1 3  ? -2.030  1.630   0.642   1.00 0.00 ? 3  ALA B H    1 
ATOM   292 H HA   . ALA B 1 3  ? -2.180  2.280   3.505   1.00 0.00 ? 3  ALA B HA   1 
ATOM   293 H HB1  . ALA B 1 3  ? -4.446  0.793   2.117   1.00 0.00 ? 3  ALA B HB1  1 
ATOM   294 H HB2  . ALA B 1 3  ? -4.238  0.957   3.870   1.00 0.00 ? 3  ALA B HB2  1 
ATOM   295 H HB3  . ALA B 1 3  ? -4.541  2.394   2.881   1.00 0.00 ? 3  ALA B HB3  1 
HETATM 296 N N    . DLE B 1 4  ? -1.447  -0.047  4.150   1.00 0.00 ? 4  DLE B N    1 
HETATM 297 C CA   . DLE B 1 4  ? -0.482  -1.073  4.539   1.00 0.00 ? 4  DLE B CA   1 
HETATM 298 C CB   . DLE B 1 4  ? -1.002  -1.764  5.810   1.00 0.00 ? 4  DLE B CB   1 
HETATM 299 C CG   . DLE B 1 4  ? -0.081  -2.820  6.461   1.00 0.00 ? 4  DLE B CG   1 
HETATM 300 C CD1  . DLE B 1 4  ? 0.484   -3.830  5.450   1.00 0.00 ? 4  DLE B CD1  1 
HETATM 301 C CD2  . DLE B 1 4  ? 1.066   -2.208  7.281   1.00 0.00 ? 4  DLE B CD2  1 
HETATM 302 C C    . DLE B 1 4  ? 0.892   -0.407  4.735   1.00 0.00 ? 4  DLE B C    1 
HETATM 303 O O    . DLE B 1 4  ? 1.008   0.535   5.519   1.00 0.00 ? 4  DLE B O    1 
HETATM 304 H H    . DLE B 1 4  ? -1.757  0.574   4.888   1.00 0.00 ? 4  DLE B H    1 
HETATM 305 H HA   . DLE B 1 4  ? -0.427  -1.834  3.764   1.00 0.00 ? 4  DLE B HA   1 
HETATM 306 H HB2  . DLE B 1 4  ? -1.245  -1.004  6.551   1.00 0.00 ? 4  DLE B HB2  1 
HETATM 307 H HB3  . DLE B 1 4  ? -1.937  -2.265  5.550   1.00 0.00 ? 4  DLE B HB3  1 
HETATM 308 H HG   . DLE B 1 4  ? -0.706  -3.371  7.167   1.00 0.00 ? 4  DLE B HG   1 
HETATM 309 H HD11 . DLE B 1 4  ? -0.324  -4.269  4.866   1.00 0.00 ? 4  DLE B HD11 1 
HETATM 310 H HD12 . DLE B 1 4  ? 1.189   -3.348  4.773   1.00 0.00 ? 4  DLE B HD12 1 
HETATM 311 H HD13 . DLE B 1 4  ? 1.014   -4.621  5.981   1.00 0.00 ? 4  DLE B HD13 1 
HETATM 312 H HD21 . DLE B 1 4  ? 0.732   -1.333  7.834   1.00 0.00 ? 4  DLE B HD21 1 
HETATM 313 H HD22 . DLE B 1 4  ? 1.419   -2.952  7.994   1.00 0.00 ? 4  DLE B HD22 1 
HETATM 314 H HD23 . DLE B 1 4  ? 1.897   -1.921  6.642   1.00 0.00 ? 4  DLE B HD23 1 
ATOM   315 N N    . ALA B 1 5  ? 1.931   -0.887  4.039   1.00 0.00 ? 5  ALA B N    1 
ATOM   316 C CA   . ALA B 1 5  ? 3.308   -0.392  4.136   1.00 0.00 ? 5  ALA B CA   1 
ATOM   317 C C    . ALA B 1 5  ? 3.714   0.459   2.922   1.00 0.00 ? 5  ALA B C    1 
ATOM   318 O O    . ALA B 1 5  ? 3.465   0.065   1.783   1.00 0.00 ? 5  ALA B O    1 
ATOM   319 C CB   . ALA B 1 5  ? 4.268   -1.575  4.304   1.00 0.00 ? 5  ALA B CB   1 
ATOM   320 H H    . ALA B 1 5  ? 1.746   -1.643  3.394   1.00 0.00 ? 5  ALA B H    1 
ATOM   321 H HA   . ALA B 1 5  ? 3.407   0.209   5.037   1.00 0.00 ? 5  ALA B HA   1 
ATOM   322 H HB1  . ALA B 1 5  ? 3.908   -2.246  5.083   1.00 0.00 ? 5  ALA B HB1  1 
ATOM   323 H HB2  . ALA B 1 5  ? 4.354   -2.123  3.368   1.00 0.00 ? 5  ALA B HB2  1 
ATOM   324 H HB3  . ALA B 1 5  ? 5.257   -1.210  4.584   1.00 0.00 ? 5  ALA B HB3  1 
HETATM 325 N N    . DVA B 1 6  ? 4.391   1.590   3.169   1.00 0.00 ? 6  DVA B N    1 
HETATM 326 C CA   . DVA B 1 6  ? 4.943   2.488   2.146   1.00 0.00 ? 6  DVA B CA   1 
HETATM 327 C CB   . DVA B 1 6  ? 6.463   2.246   2.006   1.00 0.00 ? 6  DVA B CB   1 
HETATM 328 C CG1  . DVA B 1 6  ? 6.781   0.777   1.672   1.00 0.00 ? 6  DVA B CG1  1 
HETATM 329 C CG2  . DVA B 1 6  ? 7.088   3.134   0.917   1.00 0.00 ? 6  DVA B CG2  1 
HETATM 330 C C    . DVA B 1 6  ? 4.620   3.955   2.498   1.00 0.00 ? 6  DVA B C    1 
HETATM 331 O O    . DVA B 1 6  ? 4.761   4.360   3.653   1.00 0.00 ? 6  DVA B O    1 
HETATM 332 H H    . DVA B 1 6  ? 4.553   1.838   4.138   1.00 0.00 ? 6  DVA B H    1 
HETATM 333 H HA   . DVA B 1 6  ? 4.480   2.259   1.186   1.00 0.00 ? 6  DVA B HA   1 
HETATM 334 H HB   . DVA B 1 6  ? 6.940   2.489   2.957   1.00 0.00 ? 6  DVA B HB   1 
HETATM 335 H HG11 . DVA B 1 6  ? 6.270   0.484   0.754   1.00 0.00 ? 6  DVA B HG11 1 
HETATM 336 H HG12 . DVA B 1 6  ? 7.856   0.648   1.534   1.00 0.00 ? 6  DVA B HG12 1 
HETATM 337 H HG13 . DVA B 1 6  ? 6.467   0.118   2.481   1.00 0.00 ? 6  DVA B HG13 1 
HETATM 338 H HG21 . DVA B 1 6  ? 6.979   4.187   1.174   1.00 0.00 ? 6  DVA B HG21 1 
HETATM 339 H HG22 . DVA B 1 6  ? 8.153   2.919   0.822   1.00 0.00 ? 6  DVA B HG22 1 
HETATM 340 H HG23 . DVA B 1 6  ? 6.612   2.947   -0.044  1.00 0.00 ? 6  DVA B HG23 1 
ATOM   341 N N    . VAL B 1 7  ? 4.178   4.750   1.511   1.00 0.00 ? 7  VAL B N    1 
ATOM   342 C CA   . VAL B 1 7  ? 3.674   6.119   1.708   1.00 0.00 ? 7  VAL B CA   1 
ATOM   343 C C    . VAL B 1 7  ? 2.134   6.089   1.733   1.00 0.00 ? 7  VAL B C    1 
ATOM   344 O O    . VAL B 1 7  ? 1.510   5.880   0.696   1.00 0.00 ? 7  VAL B O    1 
ATOM   345 C CB   . VAL B 1 7  ? 4.195   7.065   0.603   1.00 0.00 ? 7  VAL B CB   1 
ATOM   346 C CG1  . VAL B 1 7  ? 3.791   8.521   0.897   1.00 0.00 ? 7  VAL B CG1  1 
ATOM   347 C CG2  . VAL B 1 7  ? 5.725   6.997   0.453   1.00 0.00 ? 7  VAL B CG2  1 
ATOM   348 H H    . VAL B 1 7  ? 4.120   4.353   0.581   1.00 0.00 ? 7  VAL B H    1 
ATOM   349 H HA   . VAL B 1 7  ? 4.043   6.518   2.655   1.00 0.00 ? 7  VAL B HA   1 
ATOM   350 H HB   . VAL B 1 7  ? 3.746   6.778   -0.348  1.00 0.00 ? 7  VAL B HB   1 
ATOM   351 H HG11 . VAL B 1 7  ? 4.227   8.848   1.840   1.00 0.00 ? 7  VAL B HG11 1 
ATOM   352 H HG12 . VAL B 1 7  ? 4.147   9.174   0.098   1.00 0.00 ? 7  VAL B HG12 1 
ATOM   353 H HG13 . VAL B 1 7  ? 2.707   8.616   0.956   1.00 0.00 ? 7  VAL B HG13 1 
ATOM   354 H HG21 . VAL B 1 7  ? 6.209   7.189   1.412   1.00 0.00 ? 7  VAL B HG21 1 
ATOM   355 H HG22 . VAL B 1 7  ? 6.023   6.014   0.089   1.00 0.00 ? 7  VAL B HG22 1 
ATOM   356 H HG23 . VAL B 1 7  ? 6.063   7.740   -0.270  1.00 0.00 ? 7  VAL B HG23 1 
HETATM 357 N N    . DVA B 1 8  ? 1.508   6.271   2.901   1.00 0.00 ? 8  DVA B N    1 
HETATM 358 C CA   . DVA B 1 8  ? 0.073   6.053   3.115   1.00 0.00 ? 8  DVA B CA   1 
HETATM 359 C CB   . DVA B 1 8  ? -0.768  7.308   2.769   1.00 0.00 ? 8  DVA B CB   1 
HETATM 360 C CG1  . DVA B 1 8  ? -0.332  8.546   3.569   1.00 0.00 ? 8  DVA B CG1  1 
HETATM 361 C CG2  . DVA B 1 8  ? -0.781  7.646   1.271   1.00 0.00 ? 8  DVA B CG2  1 
HETATM 362 C C    . DVA B 1 8  ? -0.213  5.590   4.557   1.00 0.00 ? 8  DVA B C    1 
HETATM 363 O O    . DVA B 1 8  ? 0.483   5.984   5.492   1.00 0.00 ? 8  DVA B O    1 
HETATM 364 H H    . DVA B 1 8  ? 2.074   6.468   3.717   1.00 0.00 ? 8  DVA B H    1 
HETATM 365 H HA   . DVA B 1 8  ? -0.239  5.242   2.455   1.00 0.00 ? 8  DVA B HA   1 
HETATM 366 H HB   . DVA B 1 8  ? -1.806  7.090   3.035   1.00 0.00 ? 8  DVA B HB   1 
HETATM 367 H HG11 . DVA B 1 8  ? 0.708   8.790   3.348   1.00 0.00 ? 8  DVA B HG11 1 
HETATM 368 H HG12 . DVA B 1 8  ? -0.957  9.399   3.304   1.00 0.00 ? 8  DVA B HG12 1 
HETATM 369 H HG13 . DVA B 1 8  ? -0.440  8.362   4.638   1.00 0.00 ? 8  DVA B HG13 1 
HETATM 370 H HG21 . DVA B 1 8  ? -1.030  6.761   0.688   1.00 0.00 ? 8  DVA B HG21 1 
HETATM 371 H HG22 . DVA B 1 8  ? -1.536  8.408   1.071   1.00 0.00 ? 8  DVA B HG22 1 
HETATM 372 H HG23 . DVA B 1 8  ? 0.186   8.029   0.949   1.00 0.00 ? 8  DVA B HG23 1 
ATOM   373 N N    . TRP B 1 9  ? -1.275  4.797   4.747   1.00 0.00 ? 9  TRP B N    1 
ATOM   374 C CA   . TRP B 1 9  ? -1.808  4.439   6.064   1.00 0.00 ? 9  TRP B CA   1 
ATOM   375 C C    . TRP B 1 9  ? -1.309  3.070   6.576   1.00 0.00 ? 9  TRP B C    1 
ATOM   376 O O    . TRP B 1 9  ? -1.767  2.030   6.103   1.00 0.00 ? 9  TRP B O    1 
ATOM   377 C CB   . TRP B 1 9  ? -3.344  4.498   6.014   1.00 0.00 ? 9  TRP B CB   1 
ATOM   378 C CG   . TRP B 1 9  ? -4.008  4.213   7.329   1.00 0.00 ? 9  TRP B CG   1 
ATOM   379 C CD1  . TRP B 1 9  ? -4.085  5.073   8.368   1.00 0.00 ? 9  TRP B CD1  1 
ATOM   380 C CD2  . TRP B 1 9  ? -4.599  2.965   7.799   1.00 0.00 ? 9  TRP B CD2  1 
ATOM   381 N NE1  . TRP B 1 9  ? -4.664  4.452   9.455   1.00 0.00 ? 9  TRP B NE1  1 
ATOM   382 C CE2  . TRP B 1 9  ? -5.003  3.146   9.162   1.00 0.00 ? 9  TRP B CE2  1 
ATOM   383 C CE3  . TRP B 1 9  ? -4.821  1.689   7.222   1.00 0.00 ? 9  TRP B CE3  1 
ATOM   384 C CZ2  . TRP B 1 9  ? -5.592  2.112   9.913   1.00 0.00 ? 9  TRP B CZ2  1 
ATOM   385 C CZ3  . TRP B 1 9  ? -5.426  0.650   7.961   1.00 0.00 ? 9  TRP B CZ3  1 
ATOM   386 C CH2  . TRP B 1 9  ? -5.806  0.858   9.305   1.00 0.00 ? 9  TRP B CH2  1 
ATOM   387 H H    . TRP B 1 9  ? -1.806  4.521   3.931   1.00 0.00 ? 9  TRP B H    1 
ATOM   388 H HA   . TRP B 1 9  ? -1.514  5.204   6.785   1.00 0.00 ? 9  TRP B HA   1 
ATOM   389 H HB2  . TRP B 1 9  ? -3.654  5.490   5.682   1.00 0.00 ? 9  TRP B HB2  1 
ATOM   390 H HB3  . TRP B 1 9  ? -3.707  3.779   5.277   1.00 0.00 ? 9  TRP B HB3  1 
ATOM   391 H HD1  . TRP B 1 9  ? -3.709  6.085   8.361   1.00 0.00 ? 9  TRP B HD1  1 
ATOM   392 H HE1  . TRP B 1 9  ? -4.795  4.871   10.368  1.00 0.00 ? 9  TRP B HE1  1 
ATOM   393 H HE3  . TRP B 1 9  ? -4.519  1.509   6.201   1.00 0.00 ? 9  TRP B HE3  1 
ATOM   394 H HZ2  . TRP B 1 9  ? -5.878  2.280   10.940  1.00 0.00 ? 9  TRP B HZ2  1 
ATOM   395 H HZ3  . TRP B 1 9  ? -5.590  -0.311  7.494   1.00 0.00 ? 9  TRP B HZ3  1 
ATOM   396 H HH2  . TRP B 1 9  ? -6.261  0.054   9.868   1.00 0.00 ? 9  TRP B HH2  1 
HETATM 397 N N    . DLE B 1 10 ? -0.440  3.072   7.600   1.00 0.00 ? 10 DLE B N    1 
HETATM 398 C CA   . DLE B 1 10 ? -0.105  1.902   8.422   1.00 0.00 ? 10 DLE B CA   1 
HETATM 399 C CB   . DLE B 1 10 ? -1.047  1.892   9.649   1.00 0.00 ? 10 DLE B CB   1 
HETATM 400 C CG   . DLE B 1 10 ? -1.264  0.537   10.351  1.00 0.00 ? 10 DLE B CG   1 
HETATM 401 C CD1  . DLE B 1 10 ? -1.983  -0.469  9.441   1.00 0.00 ? 10 DLE B CD1  1 
HETATM 402 C CD2  . DLE B 1 10 ? 0.031   -0.072  10.912  1.00 0.00 ? 10 DLE B CD2  1 
HETATM 403 C C    . DLE B 1 10 ? 1.391   1.924   8.805   1.00 0.00 ? 10 DLE B C    1 
HETATM 404 O O    . DLE B 1 10 ? 1.768   2.464   9.846   1.00 0.00 ? 10 DLE B O    1 
HETATM 405 H H    . DLE B 1 10 ? -0.107  3.971   7.925   1.00 0.00 ? 10 DLE B H    1 
HETATM 406 H HA   . DLE B 1 10 ? -0.291  0.993   7.848   1.00 0.00 ? 10 DLE B HA   1 
HETATM 407 H HB2  . DLE B 1 10 ? -0.687  2.609   10.387  1.00 0.00 ? 10 DLE B HB2  1 
HETATM 408 H HB3  . DLE B 1 10 ? -2.036  2.231   9.333   1.00 0.00 ? 10 DLE B HB3  1 
HETATM 409 H HG   . DLE B 1 10 ? -1.926  0.731   11.199  1.00 0.00 ? 10 DLE B HG   1 
HETATM 410 H HD11 . DLE B 1 10 ? -2.814  0.009   8.923   1.00 0.00 ? 10 DLE B HD11 1 
HETATM 411 H HD12 . DLE B 1 10 ? -1.293  -0.868  8.705   1.00 0.00 ? 10 DLE B HD12 1 
HETATM 412 H HD13 . DLE B 1 10 ? -2.367  -1.301  10.031  1.00 0.00 ? 10 DLE B HD13 1 
HETATM 413 H HD21 . DLE B 1 10 ? 0.534   0.649   11.556  1.00 0.00 ? 10 DLE B HD21 1 
HETATM 414 H HD22 . DLE B 1 10 ? -0.206  -0.960  11.499  1.00 0.00 ? 10 DLE B HD22 1 
HETATM 415 H HD23 . DLE B 1 10 ? 0.700   -0.362  10.103  1.00 0.00 ? 10 DLE B HD23 1 
ATOM   416 N N    . TRP B 1 11 ? 2.246   1.332   7.961   1.00 0.00 ? 11 TRP B N    1 
ATOM   417 C CA   . TRP B 1 11 ? 3.706   1.298   8.096   1.00 0.00 ? 11 TRP B CA   1 
ATOM   418 C C    . TRP B 1 11 ? 4.416   2.217   7.084   1.00 0.00 ? 11 TRP B C    1 
ATOM   419 O O    . TRP B 1 11 ? 3.955   2.424   5.963   1.00 0.00 ? 11 TRP B O    1 
ATOM   420 C CB   . TRP B 1 11 ? 4.204   -0.156  7.955   1.00 0.00 ? 11 TRP B CB   1 
ATOM   421 C CG   . TRP B 1 11 ? 3.924   -1.103  9.091   1.00 0.00 ? 11 TRP B CG   1 
ATOM   422 C CD1  . TRP B 1 11 ? 3.628   -0.757  10.367  1.00 0.00 ? 11 TRP B CD1  1 
ATOM   423 C CD2  . TRP B 1 11 ? 3.927   -2.564  9.073   1.00 0.00 ? 11 TRP B CD2  1 
ATOM   424 N NE1  . TRP B 1 11 ? 3.425   -1.886  11.132  1.00 0.00 ? 11 TRP B NE1  1 
ATOM   425 C CE2  . TRP B 1 11 ? 3.596   -3.032  10.385  1.00 0.00 ? 11 TRP B CE2  1 
ATOM   426 C CE3  . TRP B 1 11 ? 4.161   -3.548  8.078   1.00 0.00 ? 11 TRP B CE3  1 
ATOM   427 C CZ2  . TRP B 1 11 ? 3.502   -4.402  10.695  1.00 0.00 ? 11 TRP B CZ2  1 
ATOM   428 C CZ3  . TRP B 1 11 ? 4.067   -4.926  8.377   1.00 0.00 ? 11 TRP B CZ3  1 
ATOM   429 C CH2  . TRP B 1 11 ? 3.738   -5.353  9.682   1.00 0.00 ? 11 TRP B CH2  1 
ATOM   430 H H    . TRP B 1 11 ? 1.852   0.911   7.130   1.00 0.00 ? 11 TRP B H    1 
ATOM   431 H HA   . TRP B 1 11 ? 3.993   1.662   9.084   1.00 0.00 ? 11 TRP B HA   1 
ATOM   432 H HB2  . TRP B 1 11 ? 3.764   -0.592  7.060   1.00 0.00 ? 11 TRP B HB2  1 
ATOM   433 H HB3  . TRP B 1 11 ? 5.283   -0.152  7.790   1.00 0.00 ? 11 TRP B HB3  1 
ATOM   434 H HD1  . TRP B 1 11 ? 3.552   0.253   10.742  1.00 0.00 ? 11 TRP B HD1  1 
ATOM   435 H HE1  . TRP B 1 11 ? 3.182   -1.899  12.112  1.00 0.00 ? 11 TRP B HE1  1 
ATOM   436 H HE3  . TRP B 1 11 ? 4.398   -3.241  7.072   1.00 0.00 ? 11 TRP B HE3  1 
ATOM   437 H HZ2  . TRP B 1 11 ? 3.249   -4.719  11.696  1.00 0.00 ? 11 TRP B HZ2  1 
ATOM   438 H HZ3  . TRP B 1 11 ? 4.245   -5.657  7.601   1.00 0.00 ? 11 TRP B HZ3  1 
ATOM   439 H HH2  . TRP B 1 11 ? 3.669   -6.408  9.903   1.00 0.00 ? 11 TRP B HH2  1 
HETATM 440 N N    . DLE B 1 12 ? 5.590   2.723   7.481   1.00 0.00 ? 12 DLE B N    1 
HETATM 441 C CA   . DLE B 1 12 ? 6.539   3.435   6.627   1.00 0.00 ? 12 DLE B CA   1 
HETATM 442 C CB   . DLE B 1 12 ? 7.953   2.872   6.881   1.00 0.00 ? 12 DLE B CB   1 
HETATM 443 C CG   . DLE B 1 12 ? 8.060   1.334   6.775   1.00 0.00 ? 12 DLE B CG   1 
HETATM 444 C CD1  . DLE B 1 12 ? 7.488   0.781   5.460   1.00 0.00 ? 12 DLE B CD1  1 
HETATM 445 C CD2  . DLE B 1 12 ? 9.532   0.917   6.907   1.00 0.00 ? 12 DLE B CD2  1 
HETATM 446 C C    . DLE B 1 12 ? 6.456   4.954   6.867   1.00 0.00 ? 12 DLE B C    1 
HETATM 447 O O    . DLE B 1 12 ? 7.180   5.493   7.705   1.00 0.00 ? 12 DLE B O    1 
HETATM 448 H H    . DLE B 1 12 ? 5.887   2.518   8.424   1.00 0.00 ? 12 DLE B H    1 
HETATM 449 H HA   . DLE B 1 12 ? 6.316   3.256   5.574   1.00 0.00 ? 12 DLE B HA   1 
HETATM 450 H HB2  . DLE B 1 12 ? 8.640   3.326   6.166   1.00 0.00 ? 12 DLE B HB2  1 
HETATM 451 H HB3  . DLE B 1 12 ? 8.280   3.156   7.883   1.00 0.00 ? 12 DLE B HB3  1 
HETATM 452 H HG   . DLE B 1 12 ? 7.509   0.884   7.604   1.00 0.00 ? 12 DLE B HG   1 
HETATM 453 H HD11 . DLE B 1 12 ? 8.003   1.231   4.612   1.00 0.00 ? 12 DLE B HD11 1 
HETATM 454 H HD12 . DLE B 1 12 ? 7.624   -0.300  5.424   1.00 0.00 ? 12 DLE B HD12 1 
HETATM 455 H HD13 . DLE B 1 12 ? 6.420   0.985   5.382   1.00 0.00 ? 12 DLE B HD13 1 
HETATM 456 H HD21 . DLE B 1 12 ? 9.938   1.279   7.853   1.00 0.00 ? 12 DLE B HD21 1 
HETATM 457 H HD22 . DLE B 1 12 ? 9.616   -0.170  6.884   1.00 0.00 ? 12 DLE B HD22 1 
HETATM 458 H HD23 . DLE B 1 12 ? 10.117  1.335   6.087   1.00 0.00 ? 12 DLE B HD23 1 
ATOM   459 N N    . TRP B 1 13 ? 5.577   5.645   6.128   1.00 0.00 ? 13 TRP B N    1 
ATOM   460 C CA   . TRP B 1 13 ? 5.430   7.105   6.150   1.00 0.00 ? 13 TRP B CA   1 
ATOM   461 C C    . TRP B 1 13 ? 3.965   7.534   5.927   1.00 0.00 ? 13 TRP B C    1 
ATOM   462 O O    . TRP B 1 13 ? 3.276   6.977   5.076   1.00 0.00 ? 13 TRP B O    1 
ATOM   463 C CB   . TRP B 1 13 ? 6.351   7.726   5.082   1.00 0.00 ? 13 TRP B CB   1 
ATOM   464 C CG   . TRP B 1 13 ? 7.820   7.458   5.254   1.00 0.00 ? 13 TRP B CG   1 
ATOM   465 C CD1  . TRP B 1 13 ? 8.672   8.201   5.995   1.00 0.00 ? 13 TRP B CD1  1 
ATOM   466 C CD2  . TRP B 1 13 ? 8.609   6.337   4.747   1.00 0.00 ? 13 TRP B CD2  1 
ATOM   467 N NE1  . TRP B 1 13 ? 9.931   7.636   5.982   1.00 0.00 ? 13 TRP B NE1  1 
ATOM   468 C CE2  . TRP B 1 13 ? 9.947   6.475   5.238   1.00 0.00 ? 13 TRP B CE2  1 
ATOM   469 C CE3  . TRP B 1 13 ? 8.329   5.204   3.943   1.00 0.00 ? 13 TRP B CE3  1 
ATOM   470 C CZ2  . TRP B 1 13 ? 10.957  5.539   4.941   1.00 0.00 ? 13 TRP B CZ2  1 
ATOM   471 C CZ3  . TRP B 1 13 ? 9.332   4.251   3.653   1.00 0.00 ? 13 TRP B CZ3  1 
ATOM   472 C CH2  . TRP B 1 13 ? 10.643  4.420   4.146   1.00 0.00 ? 13 TRP B CH2  1 
ATOM   473 H H    . TRP B 1 13 ? 5.030   5.134   5.444   1.00 0.00 ? 13 TRP B H    1 
ATOM   474 H HA   . TRP B 1 13 ? 5.743   7.482   7.126   1.00 0.00 ? 13 TRP B HA   1 
ATOM   475 H HB2  . TRP B 1 13 ? 6.051   7.358   4.099   1.00 0.00 ? 13 TRP B HB2  1 
ATOM   476 H HB3  . TRP B 1 13 ? 6.209   8.807   5.084   1.00 0.00 ? 13 TRP B HB3  1 
ATOM   477 H HD1  . TRP B 1 13 ? 8.401   9.096   6.538   1.00 0.00 ? 13 TRP B HD1  1 
ATOM   478 H HE1  . TRP B 1 13 ? 10.743  7.992   6.463   1.00 0.00 ? 13 TRP B HE1  1 
ATOM   479 H HE3  . TRP B 1 13 ? 7.331   5.064   3.561   1.00 0.00 ? 13 TRP B HE3  1 
ATOM   480 H HZ2  . TRP B 1 13 ? 11.956  5.675   5.328   1.00 0.00 ? 13 TRP B HZ2  1 
ATOM   481 H HZ3  . TRP B 1 13 ? 9.091   3.374   3.072   1.00 0.00 ? 13 TRP B HZ3  1 
ATOM   482 H HH2  . TRP B 1 13 ? 11.404  3.686   3.919   1.00 0.00 ? 13 TRP B HH2  1 
HETATM 483 N N    . DLE B 1 14 ? 3.510   8.564   6.657   1.00 0.00 ? 14 DLE B N    1 
HETATM 484 C CA   . DLE B 1 14 ? 2.188   9.187   6.516   1.00 0.00 ? 14 DLE B CA   1 
HETATM 485 C CB   . DLE B 1 14 ? 2.337   10.716  6.352   1.00 0.00 ? 14 DLE B CB   1 
HETATM 486 C CG   . DLE B 1 14 ? 2.661   11.193  4.920   1.00 0.00 ? 14 DLE B CG   1 
HETATM 487 C CD1  . DLE B 1 14 ? 2.640   12.729  4.878   1.00 0.00 ? 14 DLE B CD1  1 
HETATM 488 C CD2  . DLE B 1 14 ? 4.018   10.693  4.405   1.00 0.00 ? 14 DLE B CD2  1 
HETATM 489 C C    . DLE B 1 14 ? 1.276   8.857   7.717   1.00 0.00 ? 14 DLE B C    1 
HETATM 490 O O    . DLE B 1 14 ? 1.446   9.421   8.799   1.00 0.00 ? 14 DLE B O    1 
HETATM 491 H H    . DLE B 1 14 ? 4.136   8.966   7.337   1.00 0.00 ? 14 DLE B H    1 
HETATM 492 H HA   . DLE B 1 14 ? 1.695   8.824   5.613   1.00 0.00 ? 14 DLE B HA   1 
HETATM 493 H HB2  . DLE B 1 14 ? 1.382   11.179  6.615   1.00 0.00 ? 14 DLE B HB2  1 
HETATM 494 H HB3  . DLE B 1 14 ? 3.087   11.097  7.050   1.00 0.00 ? 14 DLE B HB3  1 
HETATM 495 H HG   . DLE B 1 14 ? 1.881   10.829  4.247   1.00 0.00 ? 14 DLE B HG   1 
HETATM 496 H HD11 . DLE B 1 14 ? 3.411   13.134  5.534   1.00 0.00 ? 14 DLE B HD11 1 
HETATM 497 H HD12 . DLE B 1 14 ? 2.820   13.079  3.860   1.00 0.00 ? 14 DLE B HD12 1 
HETATM 498 H HD13 . DLE B 1 14 ? 1.667   13.101  5.202   1.00 0.00 ? 14 DLE B HD13 1 
HETATM 499 H HD21 . DLE B 1 14 ? 4.804   10.922  5.124   1.00 0.00 ? 14 DLE B HD21 1 
HETATM 500 H HD22 . DLE B 1 14 ? 3.981   9.620   4.230   1.00 0.00 ? 14 DLE B HD22 1 
HETATM 501 H HD23 . DLE B 1 14 ? 4.257   11.174  3.454   1.00 0.00 ? 14 DLE B HD23 1 
ATOM   502 N N    . GLY B 1 15 ? 0.267   7.999   7.510   1.00 0.00 ? 15 GLY B N    1 
ATOM   503 C CA   . GLY B 1 15 ? -0.849  7.770   8.432   1.00 0.00 ? 15 GLY B CA   1 
ATOM   504 C C    . GLY B 1 15 ? -0.746  6.486   9.270   1.00 0.00 ? 15 GLY B C    1 
ATOM   505 O O    . GLY B 1 15 ? 0.035   5.583   8.972   1.00 0.00 ? 15 GLY B O    1 
ATOM   506 H H    . GLY B 1 15 ? 0.255   7.505   6.627   1.00 0.00 ? 15 GLY B H    1 
ATOM   507 H HA2  . GLY B 1 15 ? -0.967  8.626   9.100   1.00 0.00 ? 15 GLY B HA2  1 
ATOM   508 H HA3  . GLY B 1 15 ? -1.758  7.697   7.832   1.00 0.00 ? 15 GLY B HA3  1 
HETATM 509 C CA   . ETA B 1 16 ? -1.702  5.226   11.177  1.00 0.00 ? 16 ETA B CA   1 
HETATM 510 N N    . ETA B 1 16 ? -1.583  6.395   10.312  1.00 0.00 ? 16 ETA B N    1 
HETATM 511 C C    . ETA B 1 16 ? -2.638  5.516   12.359  1.00 0.00 ? 16 ETA B C    1 
HETATM 512 O O    . ETA B 1 16 ? -3.942  5.839   11.905  1.00 0.00 ? 16 ETA B O    1 
HETATM 513 H HA1  . ETA B 1 16 ? -2.111  4.394   10.603  1.00 0.00 ? 16 ETA B HA1  1 
HETATM 514 H HA2  . ETA B 1 16 ? -0.720  4.944   11.559  1.00 0.00 ? 16 ETA B HA2  1 
HETATM 515 H H    . ETA B 1 16 ? -2.212  7.162   10.487  1.00 0.00 ? 16 ETA B H    1 
HETATM 516 H HB1  . ETA B 1 16 ? -2.241  6.345   12.947  1.00 0.00 ? 16 ETA B HB1  1 
HETATM 517 H HB2  . ETA B 1 16 ? -2.693  4.632   12.996  1.00 0.00 ? 16 ETA B HB2  1 
HETATM 518 H HO   . ETA B 1 16 ? -4.496  6.028   12.667  1.00 0.00 ? 16 ETA B HO   1 
# 
